data_7ZNR
#
_entry.id   7ZNR
#
_cell.length_a   174.720
_cell.length_b   174.720
_cell.length_c   215.590
_cell.angle_alpha   90.000
_cell.angle_beta   90.000
_cell.angle_gamma   90.000
#
_symmetry.space_group_name_H-M   'I 41 2 2'
#
loop_
_entity.id
_entity.type
_entity.pdbx_description
1 polymer 'Sucrose-6-phosphate hydrolase'
2 branched beta-D-fructofuranose-(2-6)-beta-D-fructofuranose-(2-6)-beta-D-fructofuranose-(2-6)-beta-D-fructofuranose-(2-6)-beta-D-fructofuranose
3 branched beta-D-fructofuranose-(2-6)-beta-D-fructofuranose
4 branched beta-D-fructofuranose-(2-6)-beta-D-fructofuranose-(2-6)-beta-D-fructofuranose
5 non-polymer 'SULFATE ION'
6 water water
#
_entity_poly.entity_id   1
_entity_poly.type   'polypeptide(L)'
_entity_poly.pdbx_seq_one_letter_code
;MMKNMILPIAFTALIASMTACSDETDPILTQKNWDGTATYFQSSDEHGFSMYYKPQVGFVGNPMPFYDPVAKDFKVMYLQ
DYRPNPEATYHPIFGVATKDGATYESLGELISCGGRDEQDAAIGTGGTIYNPADKLYYTFYTGNKFKPSSDQNAQVVMVA
TSPDFKTWTKNRTFYLKGDTYGYDKNDFRDPFLFQTEDGVYHMLIATRKNGKGHIAEFTSADLKEWESAGTFMTMMWDRF
YECPDVFKMGDWWYLIYSEQASFMRKVQYFKGRTLEDLKATTANDAGIWPDNREGMLDSRAFYAGKTASDGTNRYIWGWC
PTRAGNDNGNVGDVEPEWAGNLVAQRLIQHEDGTLTLGVPDAIDRKYTSAQEVKVMAKDGNMIESGKTYTLGEGASVIFN
RLKVHNKISFTVKTASNTDRFGISFVRGTDSASWYSIHVNADEGKANFEKDGDDAKYLFDNKFNIPADNEYRVTIYSDQS
VCVTYINDQLSFTNRIYQMQKNPWSLCCYKGEITVSDVQVSTY
;
_entity_poly.pdbx_strand_id   A,B
#
# COMPACT_ATOMS: atom_id res chain seq x y z
N THR A 37 14.68 7.96 48.24
CA THR A 37 15.54 8.28 47.06
C THR A 37 14.86 7.76 45.80
N ALA A 38 15.36 8.26 44.66
CA ALA A 38 14.96 7.86 43.32
C ALA A 38 16.20 7.44 42.54
N THR A 39 17.10 6.78 43.24
CA THR A 39 18.26 6.16 42.63
C THR A 39 17.80 4.79 42.10
N TYR A 40 18.45 4.37 41.01
CA TYR A 40 18.16 3.08 40.38
C TYR A 40 18.45 1.92 41.32
N PHE A 41 17.44 1.08 41.54
CA PHE A 41 17.50 -0.08 42.43
C PHE A 41 17.47 -1.35 41.57
N GLN A 42 18.24 -2.38 41.94
CA GLN A 42 18.32 -3.59 41.10
C GLN A 42 17.20 -4.55 41.50
N SER A 43 15.99 -4.27 40.98
CA SER A 43 14.82 -5.13 41.05
C SER A 43 15.06 -6.45 40.29
N SER A 44 14.29 -7.49 40.66
CA SER A 44 14.20 -8.73 39.92
C SER A 44 12.81 -9.36 40.09
N ASP A 45 12.44 -10.26 39.15
CA ASP A 45 11.10 -10.84 39.14
C ASP A 45 11.06 -12.01 40.13
N GLU A 46 9.87 -12.24 40.70
CA GLU A 46 9.54 -13.46 41.42
C GLU A 46 9.44 -14.62 40.41
N HIS A 47 9.57 -15.85 40.88
CA HIS A 47 9.49 -17.00 40.01
C HIS A 47 8.12 -17.03 39.30
N GLY A 48 7.03 -16.76 40.04
CA GLY A 48 5.68 -16.77 39.51
C GLY A 48 5.04 -15.37 39.44
N PHE A 49 4.08 -15.23 38.51
CA PHE A 49 3.25 -14.04 38.40
C PHE A 49 1.81 -14.45 38.58
N SER A 50 1.02 -13.57 39.21
CA SER A 50 -0.31 -13.94 39.67
C SER A 50 -1.41 -13.35 38.77
N MET A 51 -1.10 -12.27 38.01
CA MET A 51 -2.11 -11.57 37.23
C MET A 51 -1.83 -11.69 35.73
N TYR A 52 -0.60 -11.30 35.34
CA TYR A 52 -0.08 -11.58 34.00
C TYR A 52 0.70 -12.88 34.15
N TYR A 53 -0.11 -13.92 34.24
CA TYR A 53 0.24 -15.20 34.82
C TYR A 53 1.49 -15.79 34.20
N LYS A 54 2.29 -16.38 35.10
CA LYS A 54 3.37 -17.27 34.76
C LYS A 54 3.43 -18.28 35.90
N PRO A 55 3.54 -19.59 35.58
CA PRO A 55 3.73 -20.61 36.61
C PRO A 55 5.10 -20.46 37.28
N GLN A 56 5.29 -21.15 38.40
CA GLN A 56 6.53 -20.95 39.15
C GLN A 56 7.72 -21.41 38.33
N VAL A 57 7.55 -22.51 37.59
CA VAL A 57 8.59 -22.97 36.70
C VAL A 57 8.09 -22.94 35.25
N GLY A 58 8.89 -22.31 34.40
CA GLY A 58 8.59 -22.22 32.99
C GLY A 58 7.73 -20.99 32.68
N PHE A 59 7.39 -20.88 31.38
CA PHE A 59 6.81 -19.71 30.78
C PHE A 59 5.55 -20.11 30.03
N VAL A 60 4.71 -19.11 29.75
CA VAL A 60 3.44 -19.35 29.09
C VAL A 60 3.61 -19.15 27.59
N GLY A 61 3.55 -20.24 26.84
CA GLY A 61 3.51 -20.14 25.39
C GLY A 61 2.06 -20.01 24.90
N ASN A 62 1.90 -20.13 23.58
CA ASN A 62 0.62 -19.94 22.91
C ASN A 62 -0.55 -20.39 23.79
N PRO A 63 -1.46 -19.49 24.20
CA PRO A 63 -2.71 -19.91 24.87
C PRO A 63 -3.87 -20.21 23.92
N MET A 64 -4.83 -20.90 24.55
CA MET A 64 -6.00 -21.52 23.96
C MET A 64 -7.16 -21.31 24.92
N PRO A 65 -7.70 -20.07 25.01
CA PRO A 65 -8.75 -19.80 25.98
C PRO A 65 -10.03 -20.44 25.46
N PHE A 66 -10.84 -20.90 26.43
CA PHE A 66 -12.09 -21.57 26.18
C PHE A 66 -13.02 -21.25 27.37
N TYR A 67 -14.24 -20.76 27.07
CA TYR A 67 -15.27 -20.61 28.10
C TYR A 67 -15.92 -21.97 28.29
N ASP A 68 -15.70 -22.52 29.48
CA ASP A 68 -16.27 -23.79 29.88
C ASP A 68 -17.69 -23.52 30.37
N PRO A 69 -18.73 -23.87 29.57
CA PRO A 69 -20.10 -23.47 29.90
C PRO A 69 -20.74 -24.29 31.02
N VAL A 70 -20.13 -25.42 31.37
CA VAL A 70 -20.56 -26.22 32.53
C VAL A 70 -20.07 -25.59 33.84
N ALA A 71 -18.79 -25.19 33.93
CA ALA A 71 -18.21 -24.65 35.15
C ALA A 71 -18.38 -23.15 35.23
N LYS A 72 -18.73 -22.51 34.10
CA LYS A 72 -18.95 -21.06 34.05
C LYS A 72 -17.67 -20.31 34.44
N ASP A 73 -16.59 -20.56 33.69
CA ASP A 73 -15.34 -19.81 33.80
C ASP A 73 -14.51 -20.14 32.57
N PHE A 74 -13.39 -19.45 32.42
CA PHE A 74 -12.47 -19.70 31.33
C PHE A 74 -11.40 -20.71 31.78
N LYS A 75 -11.23 -21.73 30.96
CA LYS A 75 -10.07 -22.59 31.03
C LYS A 75 -9.13 -22.14 29.92
N VAL A 76 -7.97 -21.66 30.34
CA VAL A 76 -6.95 -21.24 29.40
C VAL A 76 -5.89 -22.32 29.34
N MET A 77 -5.98 -23.19 28.35
CA MET A 77 -4.88 -24.09 28.12
C MET A 77 -3.81 -23.21 27.50
N TYR A 78 -2.55 -23.65 27.61
CA TYR A 78 -1.43 -22.97 26.99
C TYR A 78 -0.34 -24.01 26.79
N LEU A 79 0.55 -23.72 25.84
CA LEU A 79 1.75 -24.53 25.67
C LEU A 79 2.77 -24.16 26.73
N GLN A 80 3.05 -25.08 27.64
CA GLN A 80 4.06 -24.89 28.67
C GLN A 80 5.45 -24.90 28.06
N ASP A 81 6.15 -23.76 28.16
CA ASP A 81 7.53 -23.63 27.70
C ASP A 81 8.50 -23.74 28.87
N TYR A 82 9.68 -24.28 28.59
CA TYR A 82 10.71 -24.43 29.62
C TYR A 82 12.05 -23.94 29.06
N ARG A 83 12.95 -23.58 29.96
CA ARG A 83 14.26 -23.06 29.62
C ARG A 83 15.31 -23.92 30.33
N PRO A 84 15.84 -24.95 29.63
CA PRO A 84 15.59 -25.17 28.20
C PRO A 84 14.48 -26.21 27.95
N ASN A 85 14.13 -26.40 26.67
CA ASN A 85 13.15 -27.43 26.29
C ASN A 85 13.89 -28.72 25.90
N PRO A 86 13.32 -29.92 26.17
CA PRO A 86 13.79 -31.14 25.48
C PRO A 86 13.83 -30.93 23.99
N GLU A 87 14.56 -31.83 23.31
CA GLU A 87 14.90 -31.63 21.90
C GLU A 87 13.68 -31.99 21.03
N ALA A 88 13.04 -33.14 21.39
CA ALA A 88 11.97 -33.72 20.62
C ALA A 88 10.60 -33.57 21.29
N THR A 89 10.56 -33.76 22.61
CA THR A 89 9.34 -33.77 23.38
C THR A 89 9.21 -32.51 24.22
N TYR A 90 8.56 -31.48 23.66
CA TYR A 90 8.41 -30.19 24.32
C TYR A 90 7.02 -29.61 24.08
N HIS A 91 6.64 -28.61 24.92
CA HIS A 91 5.40 -27.85 24.74
C HIS A 91 4.14 -28.68 25.01
N PRO A 92 4.08 -29.37 26.17
CA PRO A 92 2.85 -30.02 26.63
C PRO A 92 1.77 -28.98 26.88
N ILE A 93 0.52 -29.42 26.97
CA ILE A 93 -0.55 -28.48 27.24
C ILE A 93 -0.81 -28.55 28.73
N PHE A 94 -0.47 -27.44 29.41
CA PHE A 94 -0.92 -27.19 30.76
C PHE A 94 -2.16 -26.31 30.67
N GLY A 95 -2.82 -26.08 31.81
CA GLY A 95 -3.92 -25.13 31.86
C GLY A 95 -3.94 -24.26 33.12
N VAL A 96 -4.70 -23.19 33.02
CA VAL A 96 -5.03 -22.36 34.15
C VAL A 96 -6.49 -21.89 33.97
N ALA A 97 -7.20 -21.67 35.08
CA ALA A 97 -8.60 -21.31 35.14
C ALA A 97 -8.75 -19.92 35.73
N THR A 98 -9.73 -19.14 35.22
CA THR A 98 -10.04 -17.81 35.71
C THR A 98 -11.46 -17.46 35.31
N LYS A 99 -12.20 -16.73 36.16
CA LYS A 99 -13.51 -16.17 35.85
C LYS A 99 -13.41 -14.83 35.11
N ASP A 100 -12.32 -14.08 35.28
CA ASP A 100 -12.29 -12.64 35.02
C ASP A 100 -11.00 -12.10 34.38
N GLY A 101 -9.89 -12.86 34.35
CA GLY A 101 -8.65 -12.42 33.71
C GLY A 101 -7.60 -11.80 34.65
N ALA A 102 -7.86 -11.82 35.97
CA ALA A 102 -7.06 -11.10 36.94
C ALA A 102 -6.46 -12.04 37.98
N THR A 103 -7.28 -13.00 38.40
CA THR A 103 -6.90 -14.06 39.34
C THR A 103 -6.94 -15.38 38.58
N TYR A 104 -5.86 -16.16 38.68
CA TYR A 104 -5.80 -17.46 38.01
C TYR A 104 -5.62 -18.59 39.02
N GLU A 105 -5.98 -19.81 38.61
CA GLU A 105 -5.79 -21.01 39.40
C GLU A 105 -5.18 -22.03 38.47
N SER A 106 -4.06 -22.62 38.86
CA SER A 106 -3.35 -23.49 37.96
C SER A 106 -3.93 -24.90 38.01
N LEU A 107 -3.98 -25.57 36.85
CA LEU A 107 -4.58 -26.89 36.71
C LEU A 107 -3.53 -27.96 36.39
N GLY A 108 -2.28 -27.52 36.14
CA GLY A 108 -1.18 -28.43 35.90
C GLY A 108 -1.17 -28.95 34.46
N GLU A 109 -0.49 -30.09 34.28
CA GLU A 109 -0.31 -30.70 32.98
C GLU A 109 -1.62 -31.37 32.62
N LEU A 110 -2.10 -31.19 31.39
CA LEU A 110 -3.40 -31.72 31.00
C LEU A 110 -3.24 -32.72 29.85
N ILE A 111 -2.50 -32.33 28.80
CA ILE A 111 -2.15 -33.21 27.70
C ILE A 111 -0.63 -33.27 27.55
N SER A 112 -0.05 -34.41 27.88
CA SER A 112 1.39 -34.63 27.80
C SER A 112 1.86 -34.81 26.36
N CYS A 113 3.13 -34.52 26.14
CA CYS A 113 3.74 -34.79 24.86
C CYS A 113 3.72 -36.30 24.67
N GLY A 114 3.81 -36.70 23.42
CA GLY A 114 4.02 -38.10 23.13
C GLY A 114 5.47 -38.51 23.41
N GLY A 115 5.77 -39.74 22.96
CA GLY A 115 7.12 -40.24 22.97
C GLY A 115 7.93 -39.57 21.87
N ARG A 116 9.25 -39.68 22.02
CA ARG A 116 10.24 -39.15 21.10
C ARG A 116 9.85 -39.53 19.64
N ASP A 117 9.30 -40.73 19.38
CA ASP A 117 9.11 -41.15 17.99
C ASP A 117 7.66 -40.96 17.50
N GLU A 118 6.77 -40.56 18.39
CA GLU A 118 5.38 -40.35 18.03
C GLU A 118 5.28 -39.07 17.20
N GLN A 119 4.11 -38.92 16.54
CA GLN A 119 3.76 -37.78 15.70
C GLN A 119 3.48 -36.58 16.59
N ASP A 120 3.08 -36.82 17.87
CA ASP A 120 2.91 -35.69 18.77
C ASP A 120 4.02 -35.66 19.81
N ALA A 121 5.26 -35.89 19.36
CA ALA A 121 6.44 -35.73 20.19
C ALA A 121 6.42 -34.35 20.86
N ALA A 122 6.21 -33.31 20.04
CA ALA A 122 5.99 -31.96 20.49
C ALA A 122 4.55 -31.57 20.17
N ILE A 123 3.98 -30.68 20.97
CA ILE A 123 2.61 -30.31 20.80
C ILE A 123 2.58 -28.82 20.44
N GLY A 124 1.74 -28.50 19.46
CA GLY A 124 1.46 -27.15 19.03
C GLY A 124 0.02 -26.76 19.30
N THR A 125 -0.28 -25.50 19.07
CA THR A 125 -1.56 -24.92 19.46
C THR A 125 -2.72 -25.71 18.83
N GLY A 126 -3.84 -25.74 19.56
CA GLY A 126 -5.13 -26.16 19.06
C GLY A 126 -6.28 -25.41 19.72
N GLY A 127 -7.38 -26.14 19.97
CA GLY A 127 -8.70 -25.56 20.07
C GLY A 127 -9.64 -26.52 20.79
N THR A 128 -10.30 -26.04 21.86
CA THR A 128 -11.23 -26.86 22.64
C THR A 128 -12.66 -26.53 22.26
N ILE A 129 -13.52 -27.54 22.34
CA ILE A 129 -14.95 -27.32 22.25
C ILE A 129 -15.66 -28.39 23.08
N TYR A 130 -16.74 -28.01 23.77
CA TYR A 130 -17.53 -28.97 24.53
C TYR A 130 -18.63 -29.59 23.66
N ASN A 131 -18.77 -30.92 23.73
CA ASN A 131 -19.73 -31.67 22.95
C ASN A 131 -20.83 -32.18 23.88
N PRO A 132 -22.06 -31.61 23.85
CA PRO A 132 -23.10 -31.95 24.83
C PRO A 132 -23.76 -33.31 24.56
N ALA A 133 -23.67 -33.77 23.30
CA ALA A 133 -24.16 -35.09 22.92
C ALA A 133 -23.43 -36.22 23.66
N ASP A 134 -22.13 -36.09 23.97
CA ASP A 134 -21.44 -37.12 24.76
C ASP A 134 -20.80 -36.58 26.04
N LYS A 135 -20.99 -35.27 26.34
CA LYS A 135 -20.50 -34.67 27.58
C LYS A 135 -18.97 -34.82 27.70
N LEU A 136 -18.28 -34.51 26.60
CA LEU A 136 -16.84 -34.61 26.46
C LEU A 136 -16.37 -33.26 25.92
N TYR A 137 -15.31 -32.72 26.58
CA TYR A 137 -14.49 -31.68 26.00
C TYR A 137 -13.53 -32.33 25.01
N TYR A 138 -13.40 -31.73 23.82
CA TYR A 138 -12.50 -32.15 22.76
C TYR A 138 -11.46 -31.06 22.57
N THR A 139 -10.17 -31.44 22.67
CA THR A 139 -9.09 -30.51 22.36
C THR A 139 -8.36 -31.01 21.12
N PHE A 140 -8.46 -30.30 20.02
CA PHE A 140 -7.66 -30.67 18.86
C PHE A 140 -6.35 -29.92 18.97
N TYR A 141 -5.25 -30.51 18.52
CA TYR A 141 -3.95 -29.88 18.69
C TYR A 141 -3.02 -30.31 17.56
N THR A 142 -1.91 -29.60 17.42
CA THR A 142 -0.88 -29.95 16.47
C THR A 142 0.14 -30.95 17.05
N GLY A 143 0.25 -32.12 16.43
CA GLY A 143 1.32 -33.06 16.66
C GLY A 143 2.48 -32.80 15.71
N ASN A 144 3.67 -32.62 16.34
CA ASN A 144 4.90 -32.16 15.72
C ASN A 144 5.90 -33.31 15.76
N LYS A 145 6.14 -33.92 14.58
CA LYS A 145 7.01 -35.08 14.46
C LYS A 145 8.45 -34.61 14.65
N PHE A 146 9.26 -35.37 15.41
CA PHE A 146 10.68 -35.06 15.51
C PHE A 146 11.46 -35.55 14.28
N LYS A 147 12.26 -34.68 13.63
CA LYS A 147 13.14 -35.09 12.54
C LYS A 147 12.35 -35.83 11.48
N PRO A 148 11.23 -35.29 10.97
CA PRO A 148 10.47 -36.02 9.96
C PRO A 148 11.31 -36.17 8.69
N SER A 149 11.36 -37.40 8.14
CA SER A 149 11.90 -37.70 6.81
C SER A 149 11.17 -36.82 5.80
N SER A 150 11.64 -36.84 4.55
CA SER A 150 11.10 -36.00 3.49
C SER A 150 9.64 -36.39 3.25
N ASP A 151 9.34 -37.68 3.33
CA ASP A 151 8.00 -38.15 3.05
C ASP A 151 7.06 -37.89 4.25
N GLN A 152 7.57 -37.95 5.49
CA GLN A 152 6.74 -37.86 6.69
C GLN A 152 6.09 -36.49 6.84
N ASN A 153 5.00 -36.44 7.62
CA ASN A 153 4.29 -35.21 7.90
C ASN A 153 4.83 -34.60 9.20
N ALA A 154 5.41 -33.39 9.12
CA ALA A 154 5.95 -32.73 10.29
C ALA A 154 4.83 -32.32 11.24
N GLN A 155 3.69 -31.90 10.66
CA GLN A 155 2.59 -31.32 11.40
C GLN A 155 1.27 -31.99 10.97
N VAL A 156 0.60 -32.51 11.99
CA VAL A 156 -0.59 -33.31 11.84
C VAL A 156 -1.51 -32.93 13.01
N VAL A 157 -2.81 -32.88 12.75
CA VAL A 157 -3.75 -32.51 13.79
C VAL A 157 -4.27 -33.80 14.41
N MET A 158 -4.45 -33.72 15.73
CA MET A 158 -4.70 -34.86 16.58
C MET A 158 -5.64 -34.37 17.67
N VAL A 159 -6.09 -35.25 18.58
CA VAL A 159 -7.15 -34.87 19.52
C VAL A 159 -7.07 -35.69 20.79
N ALA A 160 -7.55 -35.08 21.87
CA ALA A 160 -7.81 -35.74 23.15
C ALA A 160 -9.17 -35.29 23.61
N THR A 161 -9.80 -36.05 24.53
CA THR A 161 -11.08 -35.68 25.11
C THR A 161 -11.00 -35.79 26.63
N SER A 162 -12.04 -35.30 27.31
CA SER A 162 -12.15 -35.37 28.76
C SER A 162 -13.61 -35.11 29.17
N PRO A 163 -14.11 -35.88 30.16
CA PRO A 163 -15.43 -35.64 30.78
C PRO A 163 -15.45 -34.52 31.82
N ASP A 164 -14.50 -34.51 32.75
CA ASP A 164 -14.18 -33.35 33.57
C ASP A 164 -13.03 -32.65 32.85
N PHE A 165 -12.53 -31.52 33.30
CA PHE A 165 -11.45 -30.98 32.45
C PHE A 165 -10.08 -31.41 33.00
N LYS A 166 -10.03 -32.56 33.67
CA LYS A 166 -8.89 -32.92 34.51
C LYS A 166 -8.15 -34.12 33.92
N THR A 167 -8.88 -35.16 33.51
CA THR A 167 -8.26 -36.32 32.88
C THR A 167 -8.57 -36.33 31.38
N TRP A 168 -7.48 -36.28 30.59
CA TRP A 168 -7.52 -36.18 29.13
C TRP A 168 -7.02 -37.47 28.51
N THR A 169 -7.80 -38.07 27.61
CA THR A 169 -7.39 -39.27 26.90
C THR A 169 -7.20 -38.95 25.42
N LYS A 170 -5.97 -39.17 24.95
CA LYS A 170 -5.66 -39.09 23.53
C LYS A 170 -6.42 -40.14 22.73
N ASN A 171 -6.83 -39.77 21.52
CA ASN A 171 -7.36 -40.71 20.56
C ASN A 171 -6.23 -41.16 19.66
N ARG A 172 -5.71 -42.36 19.90
CA ARG A 172 -4.47 -42.82 19.29
C ARG A 172 -4.63 -43.28 17.84
N THR A 173 -5.87 -43.21 17.32
CA THR A 173 -6.14 -43.59 15.94
C THR A 173 -6.60 -42.41 15.08
N PHE A 174 -6.65 -41.18 15.61
CA PHE A 174 -7.07 -40.03 14.84
C PHE A 174 -5.89 -39.22 14.35
N TYR A 175 -5.78 -39.06 13.03
CA TYR A 175 -4.77 -38.20 12.43
C TYR A 175 -5.36 -37.44 11.25
N LEU A 176 -5.15 -36.11 11.21
CA LEU A 176 -5.64 -35.28 10.11
C LEU A 176 -4.44 -34.61 9.45
N LYS A 177 -4.06 -35.17 8.29
CA LYS A 177 -2.86 -34.81 7.58
C LYS A 177 -3.25 -33.92 6.41
N GLY A 178 -2.57 -32.80 6.20
CA GLY A 178 -3.02 -31.82 5.21
C GLY A 178 -2.84 -32.36 3.80
N ASP A 179 -1.70 -33.02 3.62
CA ASP A 179 -1.28 -33.92 2.57
C ASP A 179 -2.44 -34.67 1.89
N THR A 180 -3.27 -35.31 2.70
CA THR A 180 -4.43 -36.06 2.25
C THR A 180 -5.42 -35.19 1.48
N TYR A 181 -5.47 -33.89 1.79
CA TYR A 181 -6.49 -33.04 1.18
C TYR A 181 -5.85 -32.03 0.24
N GLY A 182 -4.59 -32.27 -0.17
CA GLY A 182 -3.89 -31.42 -1.10
C GLY A 182 -3.18 -30.22 -0.45
N TYR A 183 -3.00 -30.22 0.86
CA TYR A 183 -2.36 -29.11 1.57
C TYR A 183 -0.95 -29.58 1.98
N ASP A 184 -0.24 -28.75 2.78
CA ASP A 184 1.17 -28.94 3.06
C ASP A 184 1.39 -30.04 4.10
N LYS A 185 2.51 -30.75 3.94
CA LYS A 185 2.97 -31.74 4.90
C LYS A 185 3.50 -31.12 6.19
N ASN A 186 4.24 -29.99 6.09
CA ASN A 186 5.00 -29.52 7.25
C ASN A 186 4.44 -28.26 7.90
N ASP A 187 3.67 -27.43 7.17
CA ASP A 187 2.92 -26.34 7.76
C ASP A 187 1.44 -26.68 7.71
N PHE A 188 0.93 -27.14 8.85
CA PHE A 188 -0.44 -27.61 8.97
C PHE A 188 -0.74 -27.63 10.46
N ARG A 189 -1.20 -26.50 11.02
CA ARG A 189 -1.22 -26.36 12.45
C ARG A 189 -2.25 -25.34 12.91
N ASP A 190 -2.42 -25.30 14.25
CA ASP A 190 -3.17 -24.29 14.98
C ASP A 190 -4.66 -24.43 14.70
N PRO A 191 -5.25 -25.64 14.83
CA PRO A 191 -6.67 -25.87 14.63
C PRO A 191 -7.54 -25.03 15.55
N PHE A 192 -8.49 -24.32 14.91
CA PHE A 192 -9.47 -23.54 15.62
C PHE A 192 -10.85 -24.13 15.40
N LEU A 193 -11.62 -24.16 16.49
CA LEU A 193 -12.85 -24.92 16.52
C LEU A 193 -13.99 -24.04 16.95
N PHE A 194 -15.04 -24.03 16.13
CA PHE A 194 -16.25 -23.33 16.47
C PHE A 194 -17.43 -23.98 15.77
N GLN A 195 -18.58 -23.82 16.40
CA GLN A 195 -19.85 -24.30 15.88
C GLN A 195 -20.60 -23.08 15.38
N THR A 196 -21.11 -23.12 14.14
CA THR A 196 -22.07 -22.13 13.70
C THR A 196 -23.45 -22.41 14.32
N GLU A 197 -24.40 -21.48 14.13
CA GLU A 197 -25.80 -21.60 14.54
C GLU A 197 -26.50 -22.82 13.90
N ASP A 198 -26.11 -23.24 12.69
CA ASP A 198 -26.67 -24.44 12.11
C ASP A 198 -26.27 -25.69 12.92
N GLY A 199 -25.40 -25.57 13.93
CA GLY A 199 -24.99 -26.75 14.69
C GLY A 199 -23.74 -27.45 14.16
N VAL A 200 -23.33 -27.17 12.92
CA VAL A 200 -22.19 -27.80 12.28
C VAL A 200 -20.91 -27.31 12.95
N TYR A 201 -20.00 -28.26 13.25
CA TYR A 201 -18.69 -27.97 13.80
C TYR A 201 -17.70 -27.69 12.67
N HIS A 202 -16.94 -26.60 12.81
CA HIS A 202 -15.94 -26.21 11.85
C HIS A 202 -14.54 -26.18 12.47
N MET A 203 -13.53 -26.48 11.66
CA MET A 203 -12.16 -26.52 12.11
C MET A 203 -11.30 -25.82 11.05
N LEU A 204 -10.62 -24.74 11.48
CA LEU A 204 -9.73 -24.01 10.63
C LEU A 204 -8.29 -24.29 11.06
N ILE A 205 -7.46 -24.43 10.04
CA ILE A 205 -6.10 -24.92 10.18
C ILE A 205 -5.22 -24.07 9.29
N ALA A 206 -4.11 -23.59 9.87
CA ALA A 206 -3.16 -22.75 9.16
C ALA A 206 -2.27 -23.63 8.31
N THR A 207 -2.29 -23.43 6.99
CA THR A 207 -1.50 -24.28 6.10
C THR A 207 -1.12 -23.53 4.82
N ARG A 208 -0.73 -24.32 3.81
CA ARG A 208 -0.33 -23.85 2.50
C ARG A 208 -0.83 -24.82 1.43
N LYS A 209 -1.28 -24.27 0.30
CA LYS A 209 -1.63 -25.04 -0.88
C LYS A 209 -0.69 -24.59 -1.98
N ASN A 210 0.29 -25.47 -2.25
CA ASN A 210 1.31 -25.25 -3.25
C ASN A 210 1.97 -23.91 -2.97
N GLY A 211 2.71 -23.82 -1.85
CA GLY A 211 3.50 -22.63 -1.56
C GLY A 211 2.72 -21.52 -0.85
N LYS A 212 1.50 -21.14 -1.33
CA LYS A 212 0.74 -20.03 -0.75
C LYS A 212 -0.03 -20.42 0.54
N GLY A 213 -0.05 -19.51 1.52
CA GLY A 213 -0.71 -19.76 2.78
C GLY A 213 -2.22 -19.76 2.61
N HIS A 214 -2.88 -20.84 3.07
CA HIS A 214 -4.32 -20.96 3.11
C HIS A 214 -4.75 -21.35 4.52
N ILE A 215 -5.82 -20.73 5.01
CA ILE A 215 -6.55 -21.29 6.14
C ILE A 215 -7.53 -22.36 5.64
N ALA A 216 -7.32 -23.61 6.06
CA ALA A 216 -8.10 -24.74 5.57
C ALA A 216 -9.32 -24.95 6.46
N GLU A 217 -10.48 -25.23 5.84
CA GLU A 217 -11.69 -25.48 6.58
C GLU A 217 -12.06 -26.95 6.47
N PHE A 218 -12.45 -27.54 7.61
CA PHE A 218 -13.03 -28.87 7.70
C PHE A 218 -14.28 -28.80 8.57
N THR A 219 -15.26 -29.70 8.29
CA THR A 219 -16.53 -29.67 8.99
C THR A 219 -16.89 -31.09 9.38
N SER A 220 -17.74 -31.16 10.41
CA SER A 220 -18.16 -32.39 11.07
C SER A 220 -19.51 -32.16 11.74
N ALA A 221 -20.37 -33.18 11.81
CA ALA A 221 -21.55 -33.13 12.66
C ALA A 221 -21.27 -33.62 14.08
N ASP A 222 -20.31 -34.53 14.26
CA ASP A 222 -20.16 -35.21 15.54
C ASP A 222 -18.78 -35.07 16.18
N LEU A 223 -17.89 -34.28 15.51
CA LEU A 223 -16.52 -34.02 15.94
C LEU A 223 -15.59 -35.20 15.69
N LYS A 224 -16.07 -36.28 15.06
CA LYS A 224 -15.28 -37.46 14.79
C LYS A 224 -15.03 -37.70 13.30
N GLU A 225 -16.10 -37.61 12.47
CA GLU A 225 -15.97 -37.69 11.02
C GLU A 225 -15.75 -36.26 10.55
N TRP A 226 -14.68 -36.04 9.73
CA TRP A 226 -14.34 -34.71 9.22
C TRP A 226 -14.30 -34.72 7.70
N GLU A 227 -14.90 -33.69 7.10
CA GLU A 227 -14.76 -33.47 5.66
C GLU A 227 -14.15 -32.11 5.34
N SER A 228 -13.42 -32.10 4.21
CA SER A 228 -12.77 -30.91 3.69
C SER A 228 -13.83 -30.01 3.06
N ALA A 229 -13.90 -28.75 3.50
CA ALA A 229 -14.79 -27.74 2.95
C ALA A 229 -13.98 -26.75 2.15
N GLY A 230 -12.79 -27.16 1.68
CA GLY A 230 -11.93 -26.26 0.94
C GLY A 230 -11.22 -25.23 1.81
N THR A 231 -10.88 -24.11 1.17
CA THR A 231 -10.14 -23.02 1.76
C THR A 231 -11.11 -21.99 2.33
N PHE A 232 -10.92 -21.64 3.60
CA PHE A 232 -11.72 -20.65 4.28
C PHE A 232 -11.31 -19.26 3.82
N MET A 233 -10.00 -19.02 3.86
CA MET A 233 -9.42 -17.76 3.45
C MET A 233 -8.00 -17.99 2.95
N THR A 234 -7.63 -17.13 2.00
CA THR A 234 -6.26 -17.02 1.58
C THR A 234 -5.49 -16.20 2.62
N MET A 235 -4.18 -16.43 2.72
CA MET A 235 -3.29 -15.56 3.50
C MET A 235 -2.62 -14.59 2.53
N MET A 236 -2.51 -13.33 2.97
CA MET A 236 -2.18 -12.26 2.06
C MET A 236 -0.75 -12.47 1.60
N TRP A 237 -0.45 -12.17 0.33
CA TRP A 237 0.91 -12.20 -0.18
C TRP A 237 1.61 -13.46 0.32
N ASP A 238 2.82 -13.33 0.86
CA ASP A 238 3.57 -14.47 1.37
C ASP A 238 3.51 -14.53 2.91
N ARG A 239 2.55 -13.82 3.52
CA ARG A 239 2.34 -13.86 4.94
C ARG A 239 1.96 -15.27 5.39
N PHE A 240 2.06 -15.52 6.71
CA PHE A 240 1.56 -16.74 7.33
C PHE A 240 0.90 -16.41 8.67
N TYR A 241 -0.42 -16.60 8.71
CA TYR A 241 -1.25 -16.35 9.87
C TYR A 241 -1.24 -17.55 10.82
N GLU A 242 -0.49 -17.45 11.92
CA GLU A 242 -0.54 -18.47 12.97
C GLU A 242 -1.68 -18.16 13.94
N CYS A 243 -2.11 -19.16 14.68
CA CYS A 243 -3.19 -19.06 15.66
C CYS A 243 -4.38 -18.27 15.17
N PRO A 244 -5.04 -18.71 14.08
CA PRO A 244 -6.30 -18.09 13.65
C PRO A 244 -7.41 -18.33 14.68
N ASP A 245 -8.29 -17.32 14.81
CA ASP A 245 -9.48 -17.29 15.66
C ASP A 245 -10.60 -16.65 14.84
N VAL A 246 -11.75 -17.32 14.71
CA VAL A 246 -12.94 -16.73 14.08
C VAL A 246 -14.13 -16.71 15.03
N PHE A 247 -14.74 -15.52 15.16
CA PHE A 247 -15.85 -15.32 16.08
C PHE A 247 -16.74 -14.18 15.58
N LYS A 248 -17.99 -14.22 16.02
CA LYS A 248 -18.93 -13.16 15.73
C LYS A 248 -19.12 -12.30 16.98
N MET A 249 -19.18 -10.96 16.81
CA MET A 249 -19.40 -10.07 17.94
C MET A 249 -20.29 -8.93 17.46
N GLY A 250 -21.46 -8.74 18.10
CA GLY A 250 -22.52 -7.91 17.54
C GLY A 250 -22.81 -8.36 16.10
N ASP A 251 -22.67 -7.43 15.13
CA ASP A 251 -23.14 -7.61 13.76
C ASP A 251 -21.95 -7.73 12.82
N TRP A 252 -20.87 -8.33 13.34
CA TRP A 252 -19.64 -8.47 12.60
C TRP A 252 -18.99 -9.83 12.86
N TRP A 253 -18.46 -10.42 11.79
CA TRP A 253 -17.57 -11.54 11.90
C TRP A 253 -16.14 -11.04 11.84
N TYR A 254 -15.27 -11.72 12.59
CA TYR A 254 -13.87 -11.33 12.71
C TYR A 254 -12.96 -12.54 12.57
N LEU A 255 -11.79 -12.28 11.96
CA LEU A 255 -10.65 -13.18 12.04
C LEU A 255 -9.57 -12.45 12.81
N ILE A 256 -9.19 -12.98 13.98
CA ILE A 256 -7.96 -12.60 14.66
C ILE A 256 -6.88 -13.61 14.24
N TYR A 257 -5.64 -13.17 14.10
CA TYR A 257 -4.51 -14.05 13.82
C TYR A 257 -3.20 -13.36 14.19
N SER A 258 -2.15 -14.16 14.45
CA SER A 258 -0.80 -13.67 14.69
C SER A 258 0.05 -13.87 13.44
N GLU A 259 0.76 -12.81 13.05
CA GLU A 259 1.51 -12.84 11.80
C GLU A 259 2.94 -13.34 12.02
N GLN A 260 3.30 -14.46 11.35
CA GLN A 260 4.63 -15.03 11.47
C GLN A 260 5.73 -14.18 10.83
N ALA A 261 5.35 -13.42 9.77
CA ALA A 261 6.32 -12.65 9.01
C ALA A 261 7.19 -11.87 9.99
N SER A 262 8.50 -12.00 9.73
CA SER A 262 9.58 -11.60 10.61
C SER A 262 9.52 -10.13 10.93
N PHE A 263 9.02 -9.33 10.00
CA PHE A 263 8.99 -7.89 10.17
C PHE A 263 7.73 -7.47 10.91
N MET A 264 6.82 -8.40 11.21
CA MET A 264 5.55 -7.96 11.78
C MET A 264 5.47 -8.48 13.21
N ARG A 265 5.24 -9.79 13.38
CA ARG A 265 5.19 -10.43 14.69
C ARG A 265 4.20 -9.75 15.65
N LYS A 266 2.99 -9.46 15.15
CA LYS A 266 1.98 -8.74 15.89
C LYS A 266 0.63 -9.43 15.71
N VAL A 267 -0.30 -9.16 16.64
CA VAL A 267 -1.63 -9.71 16.50
C VAL A 267 -2.46 -8.81 15.58
N GLN A 268 -3.07 -9.38 14.52
CA GLN A 268 -3.87 -8.57 13.62
C GLN A 268 -5.30 -9.10 13.53
N TYR A 269 -6.16 -8.42 12.76
CA TYR A 269 -7.49 -8.92 12.46
C TYR A 269 -8.02 -8.38 11.14
N PHE A 270 -9.07 -9.10 10.67
CA PHE A 270 -9.99 -8.65 9.64
C PHE A 270 -11.43 -8.74 10.13
N LYS A 271 -12.36 -8.08 9.40
CA LYS A 271 -13.77 -8.10 9.74
C LYS A 271 -14.61 -8.12 8.46
N GLY A 272 -15.90 -8.44 8.64
CA GLY A 272 -16.90 -8.48 7.58
C GLY A 272 -18.28 -8.63 8.21
N ARG A 273 -19.32 -8.11 7.53
CA ARG A 273 -20.65 -8.07 8.10
C ARG A 273 -21.25 -9.48 8.05
N THR A 274 -20.88 -10.19 6.98
CA THR A 274 -21.18 -11.61 6.80
C THR A 274 -19.89 -12.43 6.84
N LEU A 275 -20.03 -13.75 6.97
CA LEU A 275 -18.90 -14.65 6.91
C LEU A 275 -18.25 -14.62 5.52
N GLU A 276 -19.05 -14.36 4.47
CA GLU A 276 -18.50 -14.32 3.12
C GLU A 276 -17.75 -13.01 2.89
N ASP A 277 -18.15 -11.96 3.63
CA ASP A 277 -17.44 -10.69 3.59
C ASP A 277 -16.05 -10.86 4.19
N LEU A 278 -16.02 -11.57 5.33
CA LEU A 278 -14.80 -11.81 6.05
C LEU A 278 -13.80 -12.50 5.13
N LYS A 279 -14.25 -13.59 4.50
CA LYS A 279 -13.39 -14.41 3.64
C LYS A 279 -12.83 -13.59 2.46
N ALA A 280 -13.64 -12.64 1.98
CA ALA A 280 -13.39 -11.87 0.76
C ALA A 280 -12.25 -10.86 0.96
N THR A 281 -11.98 -10.49 2.23
CA THR A 281 -10.96 -9.51 2.60
C THR A 281 -9.58 -9.86 2.03
N THR A 282 -9.24 -11.14 1.89
CA THR A 282 -7.88 -11.49 1.52
C THR A 282 -7.81 -12.16 0.15
N ALA A 283 -8.97 -12.23 -0.53
CA ALA A 283 -9.14 -12.98 -1.77
C ALA A 283 -8.45 -12.26 -2.94
N ASN A 284 -7.52 -12.94 -3.61
CA ASN A 284 -6.64 -12.41 -4.65
C ASN A 284 -5.68 -11.35 -4.11
N ASP A 285 -5.47 -11.35 -2.79
CA ASP A 285 -4.63 -10.36 -2.14
C ASP A 285 -5.36 -9.02 -2.20
N ALA A 286 -6.64 -9.02 -1.81
CA ALA A 286 -7.45 -7.83 -1.94
C ALA A 286 -7.15 -6.82 -0.82
N GLY A 287 -6.54 -7.25 0.29
CA GLY A 287 -6.03 -6.35 1.31
C GLY A 287 -7.08 -5.43 1.95
N ILE A 288 -8.28 -5.93 2.25
CA ILE A 288 -9.34 -5.07 2.79
C ILE A 288 -9.18 -4.97 4.30
N TRP A 289 -8.20 -4.15 4.72
CA TRP A 289 -7.90 -3.95 6.14
C TRP A 289 -9.13 -3.40 6.83
N PRO A 290 -9.35 -3.71 8.13
CA PRO A 290 -10.57 -3.31 8.80
C PRO A 290 -10.60 -1.88 9.33
N ASP A 291 -9.47 -1.17 9.14
CA ASP A 291 -9.20 0.10 9.81
C ASP A 291 -7.94 0.71 9.20
N ASN A 292 -7.56 1.90 9.67
CA ASN A 292 -6.44 2.64 9.10
C ASN A 292 -5.08 2.07 9.55
N ARG A 293 -5.05 1.01 10.39
CA ARG A 293 -3.79 0.48 10.90
C ARG A 293 -3.61 -1.00 10.58
N GLU A 294 -4.11 -1.47 9.42
CA GLU A 294 -3.89 -2.85 9.00
C GLU A 294 -4.44 -3.84 10.03
N GLY A 295 -5.34 -3.38 10.91
CA GLY A 295 -5.87 -4.19 11.99
C GLY A 295 -4.86 -4.61 13.07
N MET A 296 -3.64 -4.03 13.08
CA MET A 296 -2.67 -4.26 14.14
C MET A 296 -3.21 -3.79 15.48
N LEU A 297 -3.44 -4.72 16.41
CA LEU A 297 -4.10 -4.43 17.69
C LEU A 297 -3.14 -4.12 18.84
N ASP A 298 -1.90 -4.60 18.72
CA ASP A 298 -0.86 -4.39 19.71
C ASP A 298 0.43 -4.59 18.92
N SER A 299 1.53 -4.68 19.65
CA SER A 299 2.83 -4.69 19.01
C SER A 299 3.47 -6.07 19.23
N ARG A 300 4.82 -6.07 19.10
CA ARG A 300 5.64 -7.27 19.05
C ARG A 300 5.95 -7.84 20.42
N ALA A 301 5.26 -7.35 21.46
CA ALA A 301 5.40 -7.90 22.80
C ALA A 301 4.10 -8.54 23.25
N PHE A 302 3.16 -8.68 22.30
CA PHE A 302 1.94 -9.45 22.48
C PHE A 302 1.66 -10.28 21.23
N TYR A 303 1.86 -11.60 21.39
CA TYR A 303 1.72 -12.58 20.32
C TYR A 303 0.78 -13.72 20.73
N ALA A 304 0.22 -14.40 19.71
CA ALA A 304 -0.49 -15.67 19.86
C ALA A 304 -1.85 -15.45 20.52
N GLY A 305 -2.45 -14.29 20.28
CA GLY A 305 -3.73 -13.91 20.87
C GLY A 305 -4.91 -14.62 20.22
N LYS A 306 -5.74 -15.17 21.13
CA LYS A 306 -6.96 -15.91 20.84
C LYS A 306 -7.99 -15.54 21.91
N THR A 307 -9.28 -15.62 21.54
CA THR A 307 -10.33 -14.94 22.27
C THR A 307 -11.31 -15.96 22.82
N ALA A 308 -12.06 -15.55 23.84
CA ALA A 308 -13.15 -16.34 24.40
C ALA A 308 -14.08 -15.39 25.12
N SER A 309 -15.37 -15.78 25.21
CA SER A 309 -16.45 -14.90 25.67
C SER A 309 -17.21 -15.60 26.77
N ASP A 310 -17.74 -14.82 27.70
CA ASP A 310 -18.58 -15.39 28.74
C ASP A 310 -20.04 -14.93 28.54
N GLY A 311 -20.38 -14.37 27.38
CA GLY A 311 -21.70 -13.84 27.18
C GLY A 311 -21.75 -12.34 27.45
N THR A 312 -20.94 -11.86 28.39
CA THR A 312 -20.86 -10.43 28.67
C THR A 312 -19.71 -9.79 27.90
N ASN A 313 -18.51 -10.31 28.14
CA ASN A 313 -17.30 -9.75 27.58
C ASN A 313 -16.59 -10.77 26.73
N ARG A 314 -15.83 -10.28 25.74
CA ARG A 314 -14.93 -11.11 24.97
C ARG A 314 -13.51 -10.66 25.26
N TYR A 315 -12.70 -11.56 25.81
CA TYR A 315 -11.35 -11.25 26.18
C TYR A 315 -10.43 -11.89 25.18
N ILE A 316 -9.17 -11.45 25.20
CA ILE A 316 -8.15 -12.07 24.40
C ILE A 316 -6.92 -12.33 25.27
N TRP A 317 -6.38 -13.55 25.14
CA TRP A 317 -5.14 -13.93 25.79
C TRP A 317 -4.04 -14.18 24.75
N GLY A 318 -2.90 -13.53 24.96
CA GLY A 318 -1.64 -13.77 24.26
C GLY A 318 -0.51 -13.89 25.29
N TRP A 319 0.75 -13.90 24.80
CA TRP A 319 1.90 -13.90 25.70
C TRP A 319 2.81 -12.72 25.42
N CYS A 320 3.45 -12.29 26.51
CA CYS A 320 4.45 -11.23 26.46
C CYS A 320 5.80 -11.89 26.64
N PRO A 321 6.68 -11.72 25.63
CA PRO A 321 7.93 -12.47 25.54
C PRO A 321 8.91 -12.08 26.64
N THR A 322 9.78 -13.04 26.99
CA THR A 322 10.95 -12.74 27.79
C THR A 322 11.97 -12.06 26.88
N ARG A 323 13.00 -11.52 27.52
CA ARG A 323 14.15 -10.97 26.82
C ARG A 323 15.41 -11.66 27.32
N ALA A 324 16.30 -11.97 26.36
CA ALA A 324 17.61 -12.49 26.70
C ALA A 324 18.33 -11.58 27.70
N GLY A 325 18.82 -12.19 28.77
CA GLY A 325 19.69 -11.50 29.70
C GLY A 325 18.96 -10.51 30.58
N ASN A 326 17.60 -10.65 30.57
CA ASN A 326 16.66 -9.73 31.17
C ASN A 326 16.88 -8.29 30.69
N ASP A 327 17.23 -8.16 29.39
CA ASP A 327 17.61 -6.89 28.78
C ASP A 327 16.46 -6.40 27.89
N ASN A 328 15.78 -5.37 28.43
CA ASN A 328 14.59 -4.79 27.85
C ASN A 328 14.83 -4.35 26.40
N GLY A 329 16.10 -4.07 26.05
CA GLY A 329 16.42 -3.58 24.73
C GLY A 329 16.92 -4.66 23.79
N ASN A 330 16.95 -5.93 24.25
CA ASN A 330 17.30 -7.06 23.37
C ASN A 330 16.01 -7.81 22.98
N VAL A 331 15.41 -7.32 21.89
CA VAL A 331 14.11 -7.74 21.39
C VAL A 331 14.24 -8.73 20.23
N GLY A 332 15.42 -9.39 20.07
CA GLY A 332 15.71 -10.31 18.97
C GLY A 332 16.00 -9.58 17.66
N ASP A 333 16.74 -10.19 16.72
CA ASP A 333 17.02 -9.51 15.45
C ASP A 333 15.90 -9.83 14.45
N VAL A 334 15.53 -11.11 14.30
CA VAL A 334 14.40 -11.47 13.45
C VAL A 334 13.13 -11.60 14.29
N GLU A 335 13.23 -12.31 15.42
CA GLU A 335 12.07 -12.61 16.24
C GLU A 335 12.42 -12.51 17.72
N PRO A 336 11.40 -12.12 18.49
CA PRO A 336 11.45 -12.24 19.93
C PRO A 336 11.55 -13.68 20.41
N GLU A 337 12.14 -13.89 21.60
CA GLU A 337 11.96 -15.11 22.35
C GLU A 337 10.48 -15.49 22.34
N TRP A 338 10.23 -16.80 22.18
CA TRP A 338 8.93 -17.43 22.22
C TRP A 338 8.53 -17.72 23.66
N ALA A 339 7.34 -17.19 24.04
CA ALA A 339 6.66 -17.45 25.31
C ALA A 339 7.17 -16.50 26.39
N GLY A 340 6.37 -16.37 27.44
CA GLY A 340 6.70 -15.47 28.52
C GLY A 340 5.62 -15.45 29.60
N ASN A 341 4.93 -14.29 29.69
CA ASN A 341 3.75 -14.21 30.56
C ASN A 341 2.44 -14.09 29.79
N LEU A 342 1.41 -14.66 30.40
CA LEU A 342 0.04 -14.52 29.94
C LEU A 342 -0.45 -13.10 30.14
N VAL A 343 -1.11 -12.57 29.12
CA VAL A 343 -1.62 -11.21 29.16
C VAL A 343 -3.07 -11.28 28.66
N ALA A 344 -4.01 -10.95 29.56
CA ALA A 344 -5.41 -10.73 29.24
C ALA A 344 -5.69 -9.27 28.91
N GLN A 345 -6.41 -9.10 27.77
CA GLN A 345 -6.93 -7.82 27.33
C GLN A 345 -8.42 -8.04 27.02
N ARG A 346 -9.15 -6.92 26.86
CA ARG A 346 -10.59 -6.93 26.60
C ARG A 346 -10.88 -6.29 25.26
N LEU A 347 -11.73 -6.96 24.47
CA LEU A 347 -12.10 -6.47 23.15
C LEU A 347 -13.09 -5.33 23.29
N ILE A 348 -12.79 -4.24 22.57
CA ILE A 348 -13.64 -3.07 22.46
C ILE A 348 -14.10 -3.02 21.02
N GLN A 349 -15.39 -3.30 20.81
CA GLN A 349 -15.96 -3.08 19.50
C GLN A 349 -16.46 -1.65 19.38
N HIS A 350 -15.95 -0.92 18.39
CA HIS A 350 -16.46 0.42 18.12
C HIS A 350 -17.66 0.30 17.20
N GLU A 351 -18.33 1.43 16.93
CA GLU A 351 -19.58 1.38 16.21
C GLU A 351 -19.37 1.27 14.71
N ASP A 352 -18.16 1.52 14.23
CA ASP A 352 -17.88 1.20 12.84
C ASP A 352 -17.47 -0.27 12.71
N GLY A 353 -17.59 -1.04 13.81
CA GLY A 353 -17.22 -2.46 13.80
C GLY A 353 -15.72 -2.74 13.98
N THR A 354 -14.98 -1.67 14.28
CA THR A 354 -13.56 -1.70 14.39
C THR A 354 -13.27 -2.14 15.84
N LEU A 355 -12.10 -2.74 16.03
CA LEU A 355 -11.66 -3.30 17.31
C LEU A 355 -10.40 -2.59 17.80
N THR A 356 -10.41 -2.37 19.12
CA THR A 356 -9.25 -1.99 19.91
C THR A 356 -9.38 -2.79 21.21
N LEU A 357 -8.34 -2.71 22.06
CA LEU A 357 -8.27 -3.48 23.30
C LEU A 357 -8.15 -2.51 24.46
N GLY A 358 -8.87 -2.82 25.55
CA GLY A 358 -8.67 -2.19 26.85
C GLY A 358 -8.48 -3.23 27.97
N VAL A 359 -8.44 -2.74 29.20
CA VAL A 359 -8.11 -3.59 30.34
C VAL A 359 -9.36 -4.39 30.69
N PRO A 360 -9.21 -5.65 31.13
CA PRO A 360 -10.26 -6.32 31.90
C PRO A 360 -10.69 -5.58 33.15
N ASP A 361 -12.00 -5.47 33.33
CA ASP A 361 -12.54 -4.72 34.44
C ASP A 361 -11.94 -5.28 35.74
N ALA A 362 -11.69 -6.58 35.82
CA ALA A 362 -11.32 -7.20 37.10
C ALA A 362 -9.84 -6.96 37.47
N ILE A 363 -9.02 -6.69 36.45
CA ILE A 363 -7.63 -6.30 36.62
C ILE A 363 -7.61 -4.86 37.16
N ASP A 364 -8.44 -3.97 36.62
CA ASP A 364 -8.52 -2.59 37.12
C ASP A 364 -8.93 -2.54 38.60
N ARG A 365 -9.88 -3.38 39.02
CA ARG A 365 -10.33 -3.43 40.40
C ARG A 365 -9.24 -3.93 41.35
N LYS A 366 -8.26 -4.67 40.86
CA LYS A 366 -7.30 -5.33 41.73
C LYS A 366 -6.42 -4.31 42.47
N TYR A 367 -6.37 -3.08 41.96
CA TYR A 367 -5.45 -2.09 42.47
C TYR A 367 -6.13 -1.20 43.51
N THR A 368 -5.99 -1.55 44.79
CA THR A 368 -6.81 -0.98 45.85
C THR A 368 -6.10 0.14 46.63
N SER A 369 -4.76 0.17 46.71
CA SER A 369 -4.04 1.09 47.60
C SER A 369 -3.52 2.30 46.85
N ALA A 370 -4.01 3.51 47.22
CA ALA A 370 -3.47 4.74 46.67
C ALA A 370 -2.07 4.99 47.26
N GLN A 371 -1.24 5.69 46.48
CA GLN A 371 0.13 5.97 46.86
C GLN A 371 0.42 7.43 46.58
N GLU A 372 1.19 8.09 47.44
CA GLU A 372 1.58 9.45 47.12
C GLU A 372 2.46 9.46 45.86
N VAL A 373 2.14 10.42 45.02
CA VAL A 373 2.97 10.76 43.88
C VAL A 373 3.71 12.03 44.25
N LYS A 374 5.03 12.10 44.03
CA LYS A 374 5.74 13.32 44.32
C LYS A 374 6.95 13.40 43.41
N VAL A 375 7.28 14.64 43.00
CA VAL A 375 8.44 14.86 42.16
C VAL A 375 9.72 14.61 42.97
N MET A 376 10.58 13.74 42.43
CA MET A 376 11.91 13.56 42.99
C MET A 376 12.92 14.33 42.15
N ALA A 377 12.66 14.68 40.87
CA ALA A 377 13.66 15.43 40.10
C ALA A 377 13.04 16.02 38.82
N LYS A 378 13.66 17.13 38.33
CA LYS A 378 13.19 17.97 37.23
C LYS A 378 14.32 18.13 36.23
N ASP A 379 14.02 18.50 35.00
CA ASP A 379 15.10 18.92 34.12
C ASP A 379 14.50 19.84 33.06
N GLY A 380 15.33 20.74 32.49
CA GLY A 380 14.93 21.72 31.48
C GLY A 380 13.69 22.50 31.92
N ASN A 381 12.84 22.82 30.94
CA ASN A 381 11.65 23.64 31.15
C ASN A 381 10.51 22.88 31.79
N MET A 382 10.51 22.84 33.12
CA MET A 382 9.54 21.99 33.79
C MET A 382 9.00 22.76 35.00
N ILE A 383 7.66 22.89 35.04
CA ILE A 383 7.01 23.67 36.08
C ILE A 383 5.96 22.81 36.77
N GLU A 384 6.07 22.67 38.10
CA GLU A 384 5.03 22.12 38.94
C GLU A 384 4.17 23.28 39.42
N SER A 385 2.89 23.03 39.70
CA SER A 385 1.93 24.10 39.90
C SER A 385 0.67 23.57 40.57
N GLY A 386 0.66 23.52 41.92
CA GLY A 386 -0.25 22.65 42.63
C GLY A 386 0.01 21.21 42.16
N LYS A 387 -0.99 20.59 41.51
CA LYS A 387 -0.85 19.20 41.12
C LYS A 387 -0.95 19.05 39.60
N THR A 388 -0.13 19.83 38.89
CA THR A 388 -0.09 19.87 37.44
C THR A 388 1.35 20.11 37.03
N TYR A 389 1.82 19.36 36.04
CA TYR A 389 3.21 19.39 35.67
C TYR A 389 3.29 19.82 34.22
N THR A 390 4.08 20.85 33.95
CA THR A 390 4.12 21.41 32.61
C THR A 390 5.53 21.24 32.10
N LEU A 391 5.68 20.56 30.96
CA LEU A 391 6.99 20.25 30.42
C LEU A 391 7.06 20.76 28.99
N GLY A 392 8.22 21.29 28.62
CA GLY A 392 8.46 21.78 27.29
C GLY A 392 9.58 20.98 26.64
N GLU A 393 9.78 21.21 25.34
CA GLU A 393 10.81 20.53 24.57
C GLU A 393 12.04 20.32 25.45
N GLY A 394 12.38 19.05 25.69
CA GLY A 394 13.63 18.68 26.37
C GLY A 394 13.47 18.48 27.88
N ALA A 395 12.31 18.81 28.44
CA ALA A 395 12.06 18.72 29.88
C ALA A 395 11.73 17.30 30.36
N SER A 396 12.01 17.05 31.65
CA SER A 396 11.86 15.77 32.30
C SER A 396 11.28 15.97 33.69
N VAL A 397 10.43 15.05 34.16
CA VAL A 397 10.12 14.95 35.58
C VAL A 397 10.14 13.47 36.00
N ILE A 398 10.78 13.21 37.14
CA ILE A 398 10.92 11.87 37.68
C ILE A 398 10.10 11.80 38.97
N PHE A 399 9.23 10.80 39.05
CA PHE A 399 8.38 10.63 40.22
C PHE A 399 9.00 9.56 41.10
N ASN A 400 8.40 9.37 42.28
CA ASN A 400 8.86 8.43 43.28
C ASN A 400 8.71 6.98 42.81
N ARG A 401 9.46 6.13 43.49
CA ARG A 401 9.63 4.70 43.25
C ARG A 401 8.26 4.02 43.16
N LEU A 402 8.11 3.12 42.18
CA LEU A 402 6.90 2.31 42.08
C LEU A 402 7.02 1.15 43.05
N LYS A 403 5.94 0.37 43.13
CA LYS A 403 5.93 -0.83 43.94
C LYS A 403 6.01 -2.00 42.96
N VAL A 404 5.37 -3.15 43.27
CA VAL A 404 5.61 -4.34 42.45
C VAL A 404 4.52 -4.50 41.39
N HIS A 405 3.26 -4.35 41.85
CA HIS A 405 2.07 -4.34 41.00
C HIS A 405 1.46 -2.94 41.00
N ASN A 406 1.53 -2.26 39.85
CA ASN A 406 1.25 -0.82 39.83
C ASN A 406 0.15 -0.51 38.81
N LYS A 407 -0.71 0.46 39.17
CA LYS A 407 -1.57 1.15 38.20
C LYS A 407 -1.24 2.64 38.15
N ILE A 408 -0.98 3.14 36.95
CA ILE A 408 -0.53 4.51 36.77
C ILE A 408 -1.48 5.17 35.78
N SER A 409 -2.20 6.20 36.26
CA SER A 409 -3.12 6.99 35.43
C SER A 409 -2.71 8.45 35.45
N PHE A 410 -3.06 9.13 34.36
CA PHE A 410 -2.82 10.55 34.22
C PHE A 410 -3.35 10.97 32.85
N THR A 411 -3.63 12.27 32.75
CA THR A 411 -4.10 12.90 31.53
C THR A 411 -3.03 13.83 30.99
N VAL A 412 -2.74 13.73 29.69
CA VAL A 412 -1.78 14.56 29.03
C VAL A 412 -2.54 15.43 28.02
N LYS A 413 -2.36 16.77 28.07
CA LYS A 413 -2.81 17.67 27.00
C LYS A 413 -1.58 18.20 26.27
N THR A 414 -1.55 18.06 24.94
CA THR A 414 -0.48 18.60 24.09
C THR A 414 -0.85 19.96 23.50
N ALA A 415 0.16 20.68 22.98
CA ALA A 415 -0.02 21.97 22.35
C ALA A 415 -0.64 21.79 20.97
N SER A 416 0.00 20.99 20.15
CA SER A 416 -0.56 20.55 18.89
C SER A 416 -0.64 19.02 18.80
N ASN A 417 -1.05 18.55 17.60
CA ASN A 417 -1.08 17.14 17.25
C ASN A 417 0.12 16.84 16.36
N THR A 418 1.21 17.63 16.52
CA THR A 418 2.53 17.26 16.02
C THR A 418 3.51 17.07 17.18
N ASP A 419 2.97 17.09 18.41
CA ASP A 419 3.75 17.07 19.63
C ASP A 419 4.16 15.63 19.94
N ARG A 420 5.22 15.51 20.76
CA ARG A 420 5.78 14.23 21.16
C ARG A 420 6.01 14.20 22.66
N PHE A 421 5.57 13.13 23.34
CA PHE A 421 5.93 12.95 24.74
C PHE A 421 6.32 11.50 25.00
N GLY A 422 6.80 11.28 26.23
CA GLY A 422 7.46 10.07 26.65
C GLY A 422 6.95 9.65 28.03
N ILE A 423 6.82 8.33 28.22
CA ILE A 423 6.46 7.71 29.49
C ILE A 423 7.56 6.71 29.76
N SER A 424 8.40 7.00 30.75
CA SER A 424 9.66 6.30 30.91
C SER A 424 9.65 5.55 32.23
N PHE A 425 10.32 4.39 32.17
CA PHE A 425 10.39 3.47 33.28
C PHE A 425 11.84 3.08 33.55
N VAL A 426 12.05 2.53 34.76
CA VAL A 426 13.35 2.10 35.27
C VAL A 426 14.34 3.26 35.10
N ARG A 427 13.82 4.46 35.45
CA ARG A 427 14.56 5.69 35.30
C ARG A 427 14.82 6.35 36.66
N GLY A 428 15.96 5.95 37.25
CA GLY A 428 16.48 6.59 38.44
C GLY A 428 17.29 7.83 38.07
N THR A 429 17.48 8.70 39.07
CA THR A 429 18.19 9.96 38.91
C THR A 429 19.63 9.70 38.47
N ASP A 430 20.15 8.47 38.66
CA ASP A 430 21.49 8.12 38.23
C ASP A 430 21.50 7.26 36.97
N SER A 431 20.32 6.94 36.40
CA SER A 431 20.25 6.04 35.25
C SER A 431 20.68 6.78 33.98
N ALA A 432 21.71 6.26 33.31
CA ALA A 432 22.16 6.76 32.02
C ALA A 432 21.28 6.26 30.88
N SER A 433 20.63 5.09 31.07
CA SER A 433 19.71 4.51 30.10
C SER A 433 18.42 4.07 30.79
N TRP A 434 17.34 4.07 30.02
CA TRP A 434 16.02 3.76 30.54
C TRP A 434 15.11 3.42 29.37
N TYR A 435 13.85 3.09 29.67
CA TYR A 435 12.97 2.60 28.61
C TYR A 435 11.68 3.39 28.64
N SER A 436 11.32 3.92 27.47
CA SER A 436 10.20 4.84 27.33
C SER A 436 9.25 4.35 26.26
N ILE A 437 7.98 4.66 26.45
CA ILE A 437 7.01 4.68 25.38
C ILE A 437 6.90 6.09 24.83
N HIS A 438 7.28 6.31 23.57
CA HIS A 438 7.17 7.61 22.93
C HIS A 438 5.81 7.68 22.22
N VAL A 439 5.07 8.75 22.46
CA VAL A 439 3.82 8.98 21.76
C VAL A 439 4.06 10.12 20.78
N ASN A 440 4.08 9.78 19.49
CA ASN A 440 4.53 10.67 18.45
C ASN A 440 3.33 11.06 17.60
N ALA A 441 2.63 12.15 17.99
CA ALA A 441 1.33 12.45 17.42
C ALA A 441 1.46 12.83 15.95
N ASP A 442 2.56 13.46 15.55
CA ASP A 442 2.90 13.69 14.14
C ASP A 442 2.92 12.39 13.31
N GLU A 443 3.45 11.27 13.83
CA GLU A 443 3.54 10.00 13.11
C GLU A 443 2.35 9.06 13.41
N GLY A 444 1.38 9.52 14.23
CA GLY A 444 0.17 8.76 14.53
C GLY A 444 0.40 7.38 15.13
N LYS A 445 1.45 7.27 15.96
CA LYS A 445 1.89 5.99 16.51
C LYS A 445 2.61 6.19 17.84
N ALA A 446 2.62 5.13 18.67
CA ALA A 446 3.48 5.06 19.83
C ALA A 446 4.66 4.14 19.52
N ASN A 447 5.82 4.42 20.14
CA ASN A 447 7.01 3.59 20.05
C ASN A 447 7.49 3.15 21.43
N PHE A 448 8.10 1.96 21.44
CA PHE A 448 8.89 1.52 22.57
C PHE A 448 10.36 1.72 22.19
N GLU A 449 11.08 2.47 23.03
CA GLU A 449 12.46 2.84 22.74
C GLU A 449 13.33 2.75 23.98
N LYS A 450 14.63 2.60 23.73
CA LYS A 450 15.63 2.78 24.76
C LYS A 450 16.15 4.21 24.65
N ASP A 451 16.20 4.91 25.79
CA ASP A 451 16.62 6.31 25.87
C ASP A 451 17.93 6.41 26.66
N GLY A 452 18.63 7.57 26.49
CA GLY A 452 19.88 7.89 27.17
C GLY A 452 21.11 7.45 26.37
N ASP A 453 22.15 6.96 27.05
CA ASP A 453 23.23 6.23 26.37
C ASP A 453 22.62 5.07 25.59
N ASP A 454 23.20 4.79 24.42
CA ASP A 454 22.86 3.59 23.70
C ASP A 454 21.36 3.60 23.37
N ALA A 455 20.78 4.79 23.23
CA ALA A 455 19.42 4.96 22.75
C ALA A 455 19.22 4.10 21.50
N LYS A 456 17.98 3.68 21.27
CA LYS A 456 17.62 2.96 20.05
C LYS A 456 16.10 2.77 19.98
N TYR A 457 15.60 2.82 18.74
CA TYR A 457 14.21 2.48 18.45
C TYR A 457 14.10 0.96 18.52
N LEU A 458 12.98 0.45 19.03
CA LEU A 458 12.79 -1.00 19.12
C LEU A 458 11.64 -1.46 18.23
N PHE A 459 10.42 -0.95 18.48
CA PHE A 459 9.25 -1.18 17.64
C PHE A 459 8.12 -0.23 18.05
N ASP A 460 6.95 -0.36 17.42
CA ASP A 460 5.94 0.70 17.48
C ASP A 460 4.52 0.14 17.43
N ASN A 461 3.51 1.02 17.56
CA ASN A 461 2.13 0.62 17.77
C ASN A 461 1.26 1.76 17.26
N LYS A 462 0.91 1.71 15.98
CA LYS A 462 0.05 2.71 15.37
C LYS A 462 -1.33 2.70 16.07
N PHE A 463 -1.86 3.90 16.31
CA PHE A 463 -3.18 4.10 16.91
C PHE A 463 -3.69 5.49 16.47
N ASN A 464 -4.92 5.83 16.84
CA ASN A 464 -5.58 7.06 16.40
C ASN A 464 -5.33 8.21 17.36
N ILE A 465 -4.70 9.27 16.85
CA ILE A 465 -4.33 10.46 17.62
C ILE A 465 -5.60 11.23 17.98
N PRO A 466 -5.83 11.69 19.23
CA PRO A 466 -7.01 12.49 19.55
C PRO A 466 -7.01 13.83 18.81
N ALA A 467 -8.22 14.22 18.35
CA ALA A 467 -8.45 15.50 17.69
C ALA A 467 -8.30 16.62 18.71
N ASP A 468 -8.79 16.40 19.94
CA ASP A 468 -8.74 17.39 21.02
C ASP A 468 -7.38 17.45 21.74
N ASN A 469 -6.38 16.72 21.23
CA ASN A 469 -5.03 16.69 21.80
C ASN A 469 -5.00 16.33 23.29
N GLU A 470 -6.00 15.58 23.77
CA GLU A 470 -6.02 14.99 25.11
C GLU A 470 -5.84 13.46 25.06
N TYR A 471 -4.95 12.99 25.97
CA TYR A 471 -4.54 11.60 26.10
C TYR A 471 -4.77 11.12 27.53
N ARG A 472 -5.89 10.40 27.75
CA ARG A 472 -6.17 9.76 29.02
C ARG A 472 -5.39 8.43 29.05
N VAL A 473 -4.27 8.46 29.77
CA VAL A 473 -3.32 7.35 29.86
C VAL A 473 -3.61 6.48 31.09
N THR A 474 -3.46 5.17 30.90
CA THR A 474 -3.62 4.21 31.98
C THR A 474 -2.63 3.08 31.69
N ILE A 475 -1.87 2.66 32.71
CA ILE A 475 -0.87 1.62 32.56
C ILE A 475 -0.97 0.63 33.71
N TYR A 476 -1.05 -0.69 33.40
CA TYR A 476 -1.16 -1.72 34.43
C TYR A 476 0.08 -2.62 34.43
N SER A 477 0.61 -2.94 35.62
CA SER A 477 1.92 -3.63 35.78
C SER A 477 1.75 -4.82 36.73
N ASP A 478 2.23 -6.00 36.29
CA ASP A 478 2.56 -7.10 37.19
C ASP A 478 4.07 -7.34 37.05
N GLN A 479 4.86 -6.86 38.03
CA GLN A 479 6.30 -6.97 37.97
C GLN A 479 6.78 -6.33 36.66
N SER A 480 7.32 -7.17 35.76
CA SER A 480 8.04 -6.78 34.55
C SER A 480 7.19 -6.69 33.29
N VAL A 481 5.92 -7.13 33.39
CA VAL A 481 4.95 -7.12 32.32
C VAL A 481 3.96 -6.01 32.58
N CYS A 482 3.79 -5.14 31.57
CA CYS A 482 2.79 -4.09 31.66
C CYS A 482 2.12 -3.84 30.31
N VAL A 483 0.89 -3.34 30.40
CA VAL A 483 0.15 -2.85 29.24
C VAL A 483 -0.22 -1.38 29.48
N THR A 484 0.00 -0.56 28.43
CA THR A 484 -0.34 0.85 28.39
C THR A 484 -1.54 1.07 27.47
N TYR A 485 -2.54 1.80 27.99
CA TYR A 485 -3.79 2.07 27.29
C TYR A 485 -4.06 3.58 27.26
N ILE A 486 -4.43 4.09 26.07
CA ILE A 486 -4.78 5.48 25.87
C ILE A 486 -6.08 5.58 25.08
N ASN A 487 -7.08 6.26 25.66
CA ASN A 487 -8.25 6.76 24.94
C ASN A 487 -9.04 5.61 24.30
N ASP A 488 -8.91 4.38 24.80
CA ASP A 488 -9.57 3.22 24.23
C ASP A 488 -9.17 3.04 22.77
N GLN A 489 -7.94 3.43 22.43
CA GLN A 489 -7.43 3.34 21.06
C GLN A 489 -6.12 2.55 21.04
N LEU A 490 -5.22 2.90 21.97
CA LEU A 490 -3.93 2.24 22.14
C LEU A 490 -4.00 1.16 23.22
N SER A 491 -3.35 0.04 22.89
CA SER A 491 -3.14 -1.06 23.81
C SER A 491 -1.73 -1.57 23.54
N PHE A 492 -0.78 -1.31 24.46
CA PHE A 492 0.65 -1.51 24.20
C PHE A 492 1.25 -2.32 25.33
N THR A 493 1.33 -3.63 25.07
CA THR A 493 2.03 -4.57 25.91
C THR A 493 3.52 -4.39 25.72
N ASN A 494 4.22 -4.36 26.87
CA ASN A 494 5.68 -4.32 26.88
C ASN A 494 6.28 -5.12 28.04
N ARG A 495 7.46 -5.66 27.76
CA ARG A 495 8.30 -6.31 28.76
C ARG A 495 9.30 -5.28 29.28
N ILE A 496 9.20 -4.99 30.58
CA ILE A 496 10.06 -3.98 31.19
C ILE A 496 10.61 -4.53 32.49
N TYR A 497 11.73 -5.24 32.38
CA TYR A 497 12.43 -5.76 33.54
C TYR A 497 12.84 -4.56 34.41
N GLN A 498 12.44 -4.62 35.69
CA GLN A 498 12.89 -3.75 36.76
C GLN A 498 12.09 -2.44 36.81
N MET A 499 10.88 -2.43 36.27
CA MET A 499 10.04 -1.26 36.43
C MET A 499 9.55 -1.15 37.87
N GLN A 500 9.43 -2.32 38.53
CA GLN A 500 9.05 -2.40 39.93
C GLN A 500 10.19 -1.86 40.79
N LYS A 501 9.80 -1.20 41.88
CA LYS A 501 10.71 -0.63 42.86
C LYS A 501 11.72 0.27 42.14
N ASN A 502 11.29 0.88 41.03
CA ASN A 502 12.08 1.91 40.40
C ASN A 502 11.21 3.12 40.06
N PRO A 503 11.82 4.33 40.04
CA PRO A 503 11.10 5.53 39.63
C PRO A 503 10.62 5.47 38.18
N TRP A 504 9.65 6.36 37.87
CA TRP A 504 9.20 6.61 36.50
C TRP A 504 9.16 8.11 36.24
N SER A 505 8.89 8.47 34.99
CA SER A 505 9.27 9.74 34.43
C SER A 505 8.28 10.04 33.30
N LEU A 506 7.96 11.33 33.16
CA LEU A 506 7.38 11.86 31.94
C LEU A 506 8.38 12.80 31.29
N CYS A 507 8.37 12.87 29.97
CA CYS A 507 9.17 13.88 29.33
C CYS A 507 8.43 14.40 28.10
N CYS A 508 9.01 15.44 27.51
CA CYS A 508 8.51 16.05 26.29
C CYS A 508 9.66 16.21 25.29
N TYR A 509 9.57 15.50 24.16
CA TYR A 509 10.59 15.54 23.12
C TYR A 509 10.31 16.65 22.10
N LYS A 510 9.05 17.11 21.97
CA LYS A 510 8.69 18.09 20.95
C LYS A 510 7.42 18.85 21.35
N GLY A 511 7.48 20.18 21.18
CA GLY A 511 6.35 21.02 21.56
C GLY A 511 6.30 21.21 23.08
N GLU A 512 5.14 20.91 23.67
CA GLU A 512 4.88 21.18 25.07
C GLU A 512 3.66 20.37 25.53
N ILE A 513 3.69 19.91 26.79
CA ILE A 513 2.61 19.09 27.32
C ILE A 513 2.22 19.57 28.73
N THR A 514 1.06 19.06 29.21
CA THR A 514 0.54 19.41 30.51
C THR A 514 -0.15 18.20 31.11
N VAL A 515 0.33 17.84 32.30
CA VAL A 515 0.04 16.57 32.92
C VAL A 515 -0.75 16.84 34.19
N SER A 516 -1.70 15.97 34.46
CA SER A 516 -2.89 16.32 35.21
C SER A 516 -3.40 15.02 35.87
N ASP A 517 -3.98 15.08 37.07
CA ASP A 517 -4.58 13.91 37.72
C ASP A 517 -3.64 12.69 37.73
N VAL A 518 -2.44 12.85 38.28
CA VAL A 518 -1.49 11.74 38.31
C VAL A 518 -1.75 10.91 39.56
N GLN A 519 -2.08 9.63 39.35
CA GLN A 519 -2.35 8.72 40.46
C GLN A 519 -1.56 7.44 40.25
N VAL A 520 -1.24 6.76 41.37
CA VAL A 520 -0.59 5.46 41.36
C VAL A 520 -1.27 4.60 42.43
N SER A 521 -1.66 3.38 42.07
CA SER A 521 -2.35 2.48 42.96
C SER A 521 -1.68 1.11 42.89
N THR A 522 -1.77 0.31 43.96
CA THR A 522 -1.00 -0.92 44.05
C THR A 522 -1.84 -2.00 44.73
N TYR A 523 -1.28 -3.23 44.83
CA TYR A 523 -1.86 -4.31 45.63
C TYR A 523 -0.81 -5.34 46.10
N THR B 37 19.32 -8.02 -46.57
CA THR B 37 20.31 -8.14 -45.46
C THR B 37 19.67 -7.71 -44.13
N ALA B 38 20.16 -8.26 -42.99
CA ALA B 38 19.61 -8.00 -41.65
C ALA B 38 20.70 -7.50 -40.71
N THR B 39 21.67 -6.80 -41.29
CA THR B 39 22.72 -6.17 -40.52
C THR B 39 22.22 -4.82 -40.00
N TYR B 40 22.73 -4.42 -38.84
CA TYR B 40 22.33 -3.17 -38.20
C TYR B 40 22.70 -1.98 -39.06
N PHE B 41 21.70 -1.15 -39.37
CA PHE B 41 21.86 0.02 -40.20
C PHE B 41 21.80 1.29 -39.35
N GLN B 42 22.67 2.27 -39.64
CA GLN B 42 22.71 3.51 -38.88
C GLN B 42 21.70 4.51 -39.44
N SER B 43 20.40 4.29 -39.11
CA SER B 43 19.30 5.14 -39.53
C SER B 43 19.22 6.37 -38.63
N SER B 44 18.30 7.29 -38.99
CA SER B 44 18.28 8.68 -38.50
C SER B 44 16.87 9.25 -38.63
N ASP B 45 16.48 10.18 -37.73
CA ASP B 45 15.15 10.79 -37.78
C ASP B 45 15.22 11.95 -38.78
N GLU B 46 14.08 12.22 -39.43
CA GLU B 46 13.92 13.45 -40.19
C GLU B 46 13.63 14.60 -39.22
N HIS B 47 13.78 15.84 -39.69
CA HIS B 47 13.58 16.99 -38.81
C HIS B 47 12.17 17.01 -38.26
N GLY B 48 11.17 16.73 -39.12
CA GLY B 48 9.76 16.78 -38.76
C GLY B 48 9.10 15.39 -38.73
N PHE B 49 8.05 15.26 -37.88
CA PHE B 49 7.20 14.07 -37.86
C PHE B 49 5.78 14.49 -38.19
N SER B 50 5.04 13.61 -38.87
CA SER B 50 3.76 13.98 -39.46
C SER B 50 2.59 13.43 -38.65
N MET B 51 2.80 12.33 -37.89
CA MET B 51 1.71 11.63 -37.23
C MET B 51 1.82 11.71 -35.69
N TYR B 52 3.02 11.33 -35.21
CA TYR B 52 3.42 11.60 -33.83
C TYR B 52 4.21 12.90 -33.91
N TYR B 53 3.40 13.96 -34.08
CA TYR B 53 3.79 15.22 -34.66
C TYR B 53 4.98 15.82 -33.91
N LYS B 54 5.87 16.40 -34.70
CA LYS B 54 6.90 17.30 -34.23
C LYS B 54 7.11 18.31 -35.34
N PRO B 55 7.20 19.63 -35.03
CA PRO B 55 7.47 20.65 -36.04
C PRO B 55 8.90 20.50 -36.55
N GLN B 56 9.20 21.16 -37.67
CA GLN B 56 10.46 20.91 -38.34
C GLN B 56 11.60 21.38 -37.44
N VAL B 57 11.41 22.45 -36.67
CA VAL B 57 12.36 22.85 -35.66
C VAL B 57 11.67 22.91 -34.31
N GLY B 58 12.35 22.35 -33.30
CA GLY B 58 11.81 22.33 -31.96
C GLY B 58 10.96 21.08 -31.71
N PHE B 59 10.51 20.98 -30.44
CA PHE B 59 9.88 19.81 -29.89
C PHE B 59 8.53 20.19 -29.29
N VAL B 60 7.67 19.17 -29.13
CA VAL B 60 6.33 19.39 -28.64
C VAL B 60 6.30 19.19 -27.12
N GLY B 61 6.15 20.28 -26.40
CA GLY B 61 5.92 20.17 -24.97
C GLY B 61 4.42 20.05 -24.68
N ASN B 62 4.13 20.16 -23.40
CA ASN B 62 2.82 20.02 -22.82
C ASN B 62 1.71 20.43 -23.79
N PRO B 63 0.82 19.53 -24.30
CA PRO B 63 -0.34 19.95 -25.08
C PRO B 63 -1.62 20.21 -24.28
N MET B 64 -2.54 20.87 -25.01
CA MET B 64 -3.77 21.49 -24.53
C MET B 64 -4.84 21.30 -25.59
N PRO B 65 -5.39 20.08 -25.73
CA PRO B 65 -6.32 19.81 -26.83
C PRO B 65 -7.66 20.43 -26.47
N PHE B 66 -8.37 20.89 -27.49
CA PHE B 66 -9.65 21.55 -27.37
C PHE B 66 -10.48 21.26 -28.62
N TYR B 67 -11.71 20.73 -28.42
CA TYR B 67 -12.67 20.60 -29.52
C TYR B 67 -13.31 21.96 -29.77
N ASP B 68 -13.00 22.52 -30.94
CA ASP B 68 -13.50 23.81 -31.37
C ASP B 68 -14.89 23.59 -31.95
N PRO B 69 -15.99 23.96 -31.24
CA PRO B 69 -17.35 23.60 -31.63
C PRO B 69 -17.87 24.36 -32.86
N VAL B 70 -17.23 25.48 -33.21
CA VAL B 70 -17.58 26.23 -34.42
C VAL B 70 -17.00 25.57 -35.67
N ALA B 71 -15.70 25.19 -35.63
CA ALA B 71 -15.02 24.61 -36.79
C ALA B 71 -15.19 23.09 -36.83
N LYS B 72 -15.62 22.49 -35.70
CA LYS B 72 -15.85 21.06 -35.60
C LYS B 72 -14.56 20.29 -35.91
N ASP B 73 -13.52 20.52 -35.10
CA ASP B 73 -12.26 19.79 -35.15
C ASP B 73 -11.50 20.10 -33.86
N PHE B 74 -10.35 19.45 -33.69
CA PHE B 74 -9.50 19.70 -32.53
C PHE B 74 -8.44 20.75 -32.88
N LYS B 75 -8.35 21.76 -32.01
CA LYS B 75 -7.20 22.64 -31.98
C LYS B 75 -6.36 22.20 -30.80
N VAL B 76 -5.12 21.81 -31.09
CA VAL B 76 -4.23 21.34 -30.05
C VAL B 76 -3.15 22.39 -29.86
N MET B 77 -3.32 23.21 -28.83
CA MET B 77 -2.23 24.12 -28.49
C MET B 77 -1.21 23.26 -27.79
N TYR B 78 0.05 23.69 -27.78
CA TYR B 78 1.11 23.02 -27.06
C TYR B 78 2.21 24.05 -26.77
N LEU B 79 3.03 23.76 -25.74
CA LEU B 79 4.18 24.57 -25.39
C LEU B 79 5.31 24.21 -26.33
N GLN B 80 5.73 25.15 -27.16
CA GLN B 80 6.83 24.94 -28.07
C GLN B 80 8.16 24.96 -27.32
N ASP B 81 8.88 23.83 -27.36
CA ASP B 81 10.20 23.70 -26.74
C ASP B 81 11.29 23.81 -27.81
N TYR B 82 12.49 24.28 -27.43
CA TYR B 82 13.60 24.47 -28.34
C TYR B 82 14.88 23.97 -27.65
N ARG B 83 15.91 23.65 -28.45
CA ARG B 83 17.13 23.06 -27.93
C ARG B 83 18.32 23.92 -28.41
N PRO B 84 18.74 24.92 -27.60
CA PRO B 84 18.26 25.13 -26.24
C PRO B 84 17.17 26.21 -26.18
N ASN B 85 16.64 26.44 -24.97
CA ASN B 85 15.61 27.45 -24.76
C ASN B 85 16.27 28.77 -24.35
N PRO B 86 15.71 29.98 -24.67
CA PRO B 86 16.07 31.20 -23.95
C PRO B 86 15.92 31.02 -22.45
N GLU B 87 16.54 31.91 -21.66
CA GLU B 87 16.66 31.67 -20.22
C GLU B 87 15.37 32.06 -19.51
N ALA B 88 14.80 33.19 -19.91
CA ALA B 88 13.66 33.79 -19.23
C ALA B 88 12.36 33.66 -20.04
N THR B 89 12.47 33.87 -21.36
CA THR B 89 11.33 33.88 -22.28
C THR B 89 11.34 32.62 -23.14
N TYR B 90 10.65 31.56 -22.67
CA TYR B 90 10.62 30.26 -23.36
C TYR B 90 9.21 29.68 -23.26
N HIS B 91 8.92 28.68 -24.12
CA HIS B 91 7.67 27.92 -24.08
C HIS B 91 6.45 28.74 -24.46
N PRO B 92 6.49 29.43 -25.63
CA PRO B 92 5.28 30.07 -26.19
C PRO B 92 4.26 29.01 -26.58
N ILE B 93 2.99 29.40 -26.73
CA ILE B 93 1.97 28.48 -27.14
C ILE B 93 1.86 28.55 -28.65
N PHE B 94 2.28 27.46 -29.30
CA PHE B 94 1.97 27.19 -30.70
C PHE B 94 0.71 26.33 -30.78
N GLY B 95 0.25 26.01 -32.01
CA GLY B 95 -0.84 25.06 -32.20
C GLY B 95 -0.69 24.17 -33.44
N VAL B 96 -1.44 23.05 -33.40
CA VAL B 96 -1.78 22.28 -34.59
C VAL B 96 -3.28 21.95 -34.55
N ALA B 97 -3.85 21.72 -35.75
CA ALA B 97 -5.26 21.35 -35.91
C ALA B 97 -5.35 19.96 -36.53
N THR B 98 -6.33 19.16 -36.05
CA THR B 98 -6.56 17.82 -36.59
C THR B 98 -8.03 17.47 -36.37
N LYS B 99 -8.62 16.70 -37.29
CA LYS B 99 -9.95 16.10 -37.11
C LYS B 99 -9.87 14.77 -36.36
N ASP B 100 -8.73 14.04 -36.47
CA ASP B 100 -8.71 12.59 -36.25
C ASP B 100 -7.50 12.07 -35.43
N GLY B 101 -6.42 12.85 -35.27
CA GLY B 101 -5.27 12.42 -34.46
C GLY B 101 -4.10 11.80 -35.26
N ALA B 102 -4.19 11.84 -36.58
CA ALA B 102 -3.25 11.16 -37.45
C ALA B 102 -2.57 12.17 -38.37
N THR B 103 -3.40 13.06 -38.91
CA THR B 103 -3.00 14.09 -39.85
C THR B 103 -3.13 15.44 -39.14
N TYR B 104 -2.03 16.21 -39.15
CA TYR B 104 -2.03 17.51 -38.49
C TYR B 104 -1.76 18.63 -39.49
N GLU B 105 -2.31 19.81 -39.18
CA GLU B 105 -2.01 21.03 -39.92
C GLU B 105 -1.50 22.06 -38.93
N SER B 106 -0.36 22.65 -39.23
CA SER B 106 0.29 23.53 -38.27
C SER B 106 -0.34 24.93 -38.30
N LEU B 107 -0.46 25.55 -37.12
CA LEU B 107 -1.07 26.86 -36.94
C LEU B 107 -0.06 27.92 -36.51
N GLY B 108 1.20 27.51 -36.20
CA GLY B 108 2.26 28.42 -35.81
C GLY B 108 2.12 28.93 -34.37
N GLU B 109 2.80 30.06 -34.08
CA GLU B 109 2.78 30.68 -32.76
C GLU B 109 1.42 31.36 -32.59
N LEU B 110 0.80 31.23 -31.42
CA LEU B 110 -0.54 31.75 -31.18
C LEU B 110 -0.51 32.77 -30.03
N ILE B 111 0.14 32.39 -28.93
CA ILE B 111 0.33 33.26 -27.77
C ILE B 111 1.83 33.31 -27.47
N SER B 112 2.40 34.49 -27.69
CA SER B 112 3.82 34.71 -27.51
C SER B 112 4.20 34.81 -26.04
N CYS B 113 5.45 34.51 -25.70
CA CYS B 113 5.95 34.82 -24.38
C CYS B 113 5.89 36.33 -24.16
N GLY B 114 5.81 36.72 -22.88
CA GLY B 114 5.91 38.14 -22.56
C GLY B 114 7.37 38.58 -22.61
N GLY B 115 7.61 39.80 -22.11
CA GLY B 115 8.96 40.32 -21.99
C GLY B 115 9.71 39.63 -20.85
N ARG B 116 11.03 39.75 -20.90
CA ARG B 116 11.95 39.30 -19.86
C ARG B 116 11.43 39.66 -18.45
N ASP B 117 10.85 40.83 -18.23
CA ASP B 117 10.49 41.24 -16.88
C ASP B 117 9.01 41.01 -16.56
N GLU B 118 8.20 40.62 -17.56
CA GLU B 118 6.78 40.43 -17.33
C GLU B 118 6.54 39.12 -16.57
N GLN B 119 5.30 38.95 -16.10
CA GLN B 119 4.87 37.82 -15.28
C GLN B 119 4.73 36.58 -16.16
N ASP B 120 4.48 36.78 -17.45
CA ASP B 120 4.43 35.65 -18.37
C ASP B 120 5.64 35.65 -19.29
N ALA B 121 6.83 35.88 -18.69
CA ALA B 121 8.11 35.74 -19.38
C ALA B 121 8.17 34.36 -20.03
N ALA B 122 7.86 33.33 -19.24
CA ALA B 122 7.70 31.96 -19.75
C ALA B 122 6.26 31.57 -19.58
N ILE B 123 5.77 30.71 -20.48
CA ILE B 123 4.37 30.35 -20.45
C ILE B 123 4.27 28.86 -20.14
N GLY B 124 3.32 28.58 -19.22
CA GLY B 124 3.00 27.23 -18.83
C GLY B 124 1.59 26.86 -19.29
N THR B 125 1.29 25.57 -19.10
CA THR B 125 0.08 24.97 -19.60
C THR B 125 -1.14 25.76 -19.12
N GLY B 126 -2.16 25.78 -19.97
CA GLY B 126 -3.50 26.17 -19.57
C GLY B 126 -4.56 25.40 -20.35
N GLY B 127 -5.62 26.11 -20.72
CA GLY B 127 -6.92 25.51 -20.96
C GLY B 127 -7.79 26.50 -21.72
N THR B 128 -8.39 26.02 -22.81
CA THR B 128 -9.21 26.85 -23.67
C THR B 128 -10.68 26.52 -23.43
N ILE B 129 -11.55 27.50 -23.68
CA ILE B 129 -12.99 27.28 -23.69
C ILE B 129 -13.62 28.35 -24.59
N TYR B 130 -14.68 27.96 -25.32
CA TYR B 130 -15.39 28.92 -26.15
C TYR B 130 -16.53 29.57 -25.37
N ASN B 131 -16.67 30.91 -25.50
CA ASN B 131 -17.71 31.67 -24.82
C ASN B 131 -18.72 32.16 -25.85
N PRO B 132 -19.94 31.58 -25.91
CA PRO B 132 -20.91 31.89 -26.98
C PRO B 132 -21.56 33.27 -26.84
N ALA B 133 -21.59 33.78 -25.60
CA ALA B 133 -22.07 35.12 -25.29
C ALA B 133 -21.30 36.22 -26.05
N ASP B 134 -19.98 36.08 -26.23
CA ASP B 134 -19.21 37.10 -26.94
C ASP B 134 -18.43 36.53 -28.13
N LYS B 135 -18.60 35.23 -28.41
CA LYS B 135 -17.99 34.62 -29.60
C LYS B 135 -16.46 34.77 -29.56
N LEU B 136 -15.91 34.48 -28.36
CA LEU B 136 -14.49 34.57 -28.08
C LEU B 136 -14.04 33.25 -27.47
N TYR B 137 -12.92 32.72 -27.98
CA TYR B 137 -12.16 31.68 -27.31
C TYR B 137 -11.33 32.33 -26.21
N TYR B 138 -11.40 31.73 -25.01
CA TYR B 138 -10.61 32.14 -23.85
C TYR B 138 -9.57 31.05 -23.55
N THR B 139 -8.28 31.43 -23.52
CA THR B 139 -7.23 30.51 -23.14
C THR B 139 -6.62 31.06 -21.86
N PHE B 140 -6.83 30.33 -20.77
CA PHE B 140 -6.16 30.70 -19.54
C PHE B 140 -4.84 29.94 -19.53
N TYR B 141 -3.80 30.54 -18.97
CA TYR B 141 -2.48 29.93 -19.02
C TYR B 141 -1.66 30.38 -17.82
N THR B 142 -0.52 29.70 -17.61
CA THR B 142 0.39 30.02 -16.53
C THR B 142 1.43 31.03 -17.01
N GLY B 143 1.48 32.19 -16.35
CA GLY B 143 2.58 33.10 -16.43
C GLY B 143 3.65 32.80 -15.36
N ASN B 144 4.88 32.64 -15.87
CA ASN B 144 6.04 32.19 -15.12
C ASN B 144 7.05 33.33 -15.04
N LYS B 145 7.16 33.92 -13.84
CA LYS B 145 8.02 35.08 -13.63
C LYS B 145 9.47 34.60 -13.67
N PHE B 146 10.37 35.33 -14.31
CA PHE B 146 11.81 35.03 -14.26
C PHE B 146 12.45 35.51 -12.94
N LYS B 147 13.18 34.63 -12.24
CA LYS B 147 13.94 35.00 -11.04
C LYS B 147 13.06 35.74 -10.05
N PRO B 148 11.89 35.22 -9.65
CA PRO B 148 11.04 35.95 -8.72
C PRO B 148 11.74 36.14 -7.37
N SER B 149 11.73 37.38 -6.85
CA SER B 149 11.99 37.72 -5.44
C SER B 149 11.21 36.79 -4.53
N SER B 150 11.55 36.81 -3.23
CA SER B 150 10.89 35.95 -2.25
C SER B 150 9.41 36.33 -2.16
N ASP B 151 9.13 37.62 -2.24
CA ASP B 151 7.77 38.10 -2.10
C ASP B 151 6.97 37.88 -3.40
N GLN B 152 7.63 37.93 -4.58
CA GLN B 152 6.95 37.84 -5.87
C GLN B 152 6.29 36.48 -6.06
N ASN B 153 5.26 36.46 -6.93
CA ASN B 153 4.58 35.25 -7.36
C ASN B 153 5.29 34.66 -8.59
N ALA B 154 5.83 33.45 -8.46
CA ALA B 154 6.50 32.77 -9.57
C ALA B 154 5.48 32.35 -10.63
N GLN B 155 4.28 31.96 -10.15
CA GLN B 155 3.25 31.39 -11.00
C GLN B 155 1.91 32.06 -10.74
N VAL B 156 1.39 32.57 -11.86
CA VAL B 156 0.18 33.34 -11.86
C VAL B 156 -0.60 32.93 -13.10
N VAL B 157 -1.92 32.82 -12.97
CA VAL B 157 -2.75 32.50 -14.11
C VAL B 157 -3.21 33.80 -14.77
N MET B 158 -3.20 33.77 -16.10
CA MET B 158 -3.41 34.90 -16.97
C MET B 158 -4.27 34.43 -18.14
N VAL B 159 -4.67 35.34 -19.04
CA VAL B 159 -5.60 34.98 -20.10
C VAL B 159 -5.37 35.81 -21.36
N ALA B 160 -5.73 35.19 -22.48
CA ALA B 160 -5.85 35.85 -23.77
C ALA B 160 -7.14 35.36 -24.38
N THR B 161 -7.65 36.10 -25.37
CA THR B 161 -8.86 35.74 -26.06
C THR B 161 -8.60 35.81 -27.56
N SER B 162 -9.53 35.22 -28.32
CA SER B 162 -9.50 35.30 -29.77
C SER B 162 -10.90 35.05 -30.32
N PRO B 163 -11.30 35.82 -31.37
CA PRO B 163 -12.51 35.54 -32.16
C PRO B 163 -12.38 34.37 -33.13
N ASP B 164 -11.24 34.25 -33.82
CA ASP B 164 -11.01 33.34 -34.93
C ASP B 164 -9.98 32.23 -34.65
N PHE B 165 -9.41 32.12 -33.43
CA PHE B 165 -8.35 31.15 -33.08
C PHE B 165 -7.01 31.46 -33.77
N LYS B 166 -6.90 32.59 -34.47
CA LYS B 166 -5.67 32.95 -35.16
C LYS B 166 -5.00 34.14 -34.48
N THR B 167 -5.78 35.19 -34.14
CA THR B 167 -5.24 36.36 -33.44
C THR B 167 -5.70 36.34 -32.00
N TRP B 168 -4.69 36.27 -31.09
CA TRP B 168 -4.86 36.13 -29.66
C TRP B 168 -4.38 37.40 -28.99
N THR B 169 -5.24 37.96 -28.14
CA THR B 169 -4.97 39.23 -27.49
C THR B 169 -4.95 39.02 -25.99
N LYS B 170 -3.79 39.30 -25.39
CA LYS B 170 -3.59 39.20 -23.95
C LYS B 170 -4.43 40.25 -23.24
N ASN B 171 -5.00 39.87 -22.09
CA ASN B 171 -5.71 40.80 -21.23
C ASN B 171 -4.72 41.26 -20.18
N ARG B 172 -4.19 42.48 -20.37
CA ARG B 172 -2.96 42.86 -19.68
C ARG B 172 -3.22 43.27 -18.23
N THR B 173 -4.49 43.20 -17.78
CA THR B 173 -4.86 43.61 -16.43
C THR B 173 -5.39 42.46 -15.58
N PHE B 174 -5.39 41.23 -16.14
CA PHE B 174 -5.91 40.07 -15.43
C PHE B 174 -4.78 39.25 -14.83
N TYR B 175 -4.83 39.08 -13.51
CA TYR B 175 -3.88 38.23 -12.81
C TYR B 175 -4.62 37.47 -11.71
N LEU B 176 -4.44 36.14 -11.66
CA LEU B 176 -5.05 35.31 -10.64
C LEU B 176 -3.92 34.63 -9.88
N LYS B 177 -3.68 35.14 -8.66
CA LYS B 177 -2.54 34.79 -7.85
C LYS B 177 -3.08 33.90 -6.72
N GLY B 178 -2.41 32.78 -6.46
CA GLY B 178 -2.98 31.80 -5.53
C GLY B 178 -2.97 32.35 -4.10
N ASP B 179 -1.84 33.00 -3.79
CA ASP B 179 -1.54 33.93 -2.69
C ASP B 179 -2.77 34.66 -2.14
N THR B 180 -3.53 35.29 -3.04
CA THR B 180 -4.73 36.03 -2.72
C THR B 180 -5.78 35.16 -2.02
N TYR B 181 -5.82 33.88 -2.37
CA TYR B 181 -6.88 33.01 -1.87
C TYR B 181 -6.33 31.99 -0.89
N GLY B 182 -5.11 32.23 -0.35
CA GLY B 182 -4.50 31.39 0.66
C GLY B 182 -3.72 30.19 0.11
N TYR B 183 -3.41 30.18 -1.19
CA TYR B 183 -2.69 29.09 -1.83
C TYR B 183 -1.26 29.56 -2.11
N ASP B 184 -0.49 28.79 -2.91
CA ASP B 184 0.94 28.96 -3.01
C ASP B 184 1.27 30.04 -4.02
N LYS B 185 2.39 30.74 -3.73
CA LYS B 185 2.93 31.76 -4.62
C LYS B 185 3.59 31.14 -5.86
N ASN B 186 4.28 29.99 -5.70
CA ASN B 186 5.22 29.52 -6.72
C ASN B 186 4.74 28.26 -7.45
N ASP B 187 3.88 27.46 -6.82
CA ASP B 187 3.17 26.38 -7.50
C ASP B 187 1.70 26.75 -7.59
N PHE B 188 1.30 27.26 -8.76
CA PHE B 188 -0.06 27.65 -9.04
C PHE B 188 -0.21 27.67 -10.56
N ARG B 189 -0.54 26.52 -11.15
CA ARG B 189 -0.43 26.38 -12.59
C ARG B 189 -1.40 25.35 -13.16
N ASP B 190 -1.40 25.32 -14.51
CA ASP B 190 -2.04 24.32 -15.36
C ASP B 190 -3.57 24.41 -15.25
N PRO B 191 -4.16 25.63 -15.39
CA PRO B 191 -5.60 25.83 -15.34
C PRO B 191 -6.36 24.98 -16.36
N PHE B 192 -7.37 24.25 -15.82
CA PHE B 192 -8.29 23.48 -16.64
C PHE B 192 -9.69 24.07 -16.56
N LEU B 193 -10.39 24.08 -17.70
CA LEU B 193 -11.66 24.77 -17.82
C LEU B 193 -12.77 23.89 -18.33
N PHE B 194 -13.89 23.88 -17.62
CA PHE B 194 -15.09 23.21 -18.10
C PHE B 194 -16.34 23.86 -17.51
N GLN B 195 -17.43 23.74 -18.28
CA GLN B 195 -18.74 24.21 -17.87
C GLN B 195 -19.58 23.01 -17.47
N THR B 196 -20.21 23.03 -16.29
CA THR B 196 -21.23 22.06 -15.95
C THR B 196 -22.55 22.39 -16.66
N GLU B 197 -23.56 21.51 -16.51
CA GLU B 197 -24.87 21.73 -17.14
C GLU B 197 -25.63 22.87 -16.48
N ASP B 198 -25.36 23.18 -15.20
CA ASP B 198 -25.92 24.37 -14.59
C ASP B 198 -25.45 25.65 -15.32
N GLY B 199 -24.53 25.57 -16.29
CA GLY B 199 -24.02 26.72 -17.03
C GLY B 199 -22.78 27.37 -16.38
N VAL B 200 -22.52 27.11 -15.08
CA VAL B 200 -21.39 27.68 -14.36
C VAL B 200 -20.07 27.15 -14.94
N TYR B 201 -19.12 28.08 -15.13
CA TYR B 201 -17.77 27.78 -15.59
C TYR B 201 -16.88 27.51 -14.38
N HIS B 202 -16.09 26.45 -14.48
CA HIS B 202 -15.15 26.04 -13.45
C HIS B 202 -13.73 26.05 -13.99
N MET B 203 -12.78 26.37 -13.11
CA MET B 203 -11.37 26.38 -13.44
C MET B 203 -10.60 25.70 -12.31
N LEU B 204 -9.86 24.64 -12.67
CA LEU B 204 -9.06 23.90 -11.71
C LEU B 204 -7.60 24.19 -11.96
N ILE B 205 -6.90 24.38 -10.83
CA ILE B 205 -5.54 24.86 -10.83
C ILE B 205 -4.74 24.03 -9.83
N ALA B 206 -3.58 23.58 -10.29
CA ALA B 206 -2.68 22.77 -9.49
C ALA B 206 -1.91 23.68 -8.56
N THR B 207 -2.08 23.48 -7.24
CA THR B 207 -1.38 24.32 -6.28
C THR B 207 -1.12 23.57 -4.96
N ARG B 208 -0.83 24.38 -3.92
CA ARG B 208 -0.60 23.90 -2.55
C ARG B 208 -1.22 24.86 -1.53
N LYS B 209 -1.78 24.31 -0.46
CA LYS B 209 -2.19 25.07 0.72
C LYS B 209 -1.30 24.66 1.88
N ASN B 210 -0.33 25.53 2.20
CA ASN B 210 0.65 25.32 3.26
C ASN B 210 1.31 23.97 3.05
N GLY B 211 2.14 23.87 2.00
CA GLY B 211 2.93 22.67 1.77
C GLY B 211 2.21 21.55 1.01
N LYS B 212 0.94 21.24 1.35
CA LYS B 212 0.17 20.14 0.76
C LYS B 212 -0.45 20.48 -0.60
N GLY B 213 -0.38 19.55 -1.55
CA GLY B 213 -0.89 19.76 -2.89
C GLY B 213 -2.42 19.75 -2.88
N HIS B 214 -3.02 20.82 -3.40
CA HIS B 214 -4.46 20.92 -3.59
C HIS B 214 -4.74 21.33 -5.03
N ILE B 215 -5.78 20.71 -5.60
CA ILE B 215 -6.36 21.24 -6.83
C ILE B 215 -7.38 22.28 -6.44
N ALA B 216 -7.13 23.54 -6.83
CA ALA B 216 -8.00 24.63 -6.46
C ALA B 216 -9.13 24.78 -7.48
N GLU B 217 -10.35 25.03 -7.01
CA GLU B 217 -11.47 25.33 -7.87
C GLU B 217 -11.81 26.82 -7.81
N PHE B 218 -12.05 27.41 -8.99
CA PHE B 218 -12.62 28.75 -9.14
C PHE B 218 -13.82 28.69 -10.09
N THR B 219 -14.83 29.55 -9.85
CA THR B 219 -16.06 29.52 -10.62
C THR B 219 -16.43 30.93 -11.07
N SER B 220 -17.17 30.98 -12.17
CA SER B 220 -17.50 32.22 -12.86
C SER B 220 -18.76 31.98 -13.68
N ALA B 221 -19.62 33.01 -13.77
CA ALA B 221 -20.75 32.97 -14.68
C ALA B 221 -20.36 33.51 -16.06
N ASP B 222 -19.37 34.42 -16.16
CA ASP B 222 -19.09 35.10 -17.42
C ASP B 222 -17.65 34.92 -17.91
N LEU B 223 -16.83 34.14 -17.19
CA LEU B 223 -15.41 33.87 -17.50
C LEU B 223 -14.51 35.05 -17.17
N LYS B 224 -15.06 36.12 -16.55
CA LYS B 224 -14.30 37.32 -16.25
C LYS B 224 -14.20 37.58 -14.76
N GLU B 225 -15.34 37.52 -14.03
CA GLU B 225 -15.34 37.59 -12.58
C GLU B 225 -15.20 36.16 -12.05
N TRP B 226 -14.21 35.91 -11.19
CA TRP B 226 -13.89 34.58 -10.68
C TRP B 226 -13.94 34.55 -9.15
N GLU B 227 -14.75 33.64 -8.62
CA GLU B 227 -14.87 33.32 -7.20
C GLU B 227 -14.08 32.05 -6.87
N SER B 228 -13.46 32.05 -5.69
CA SER B 228 -12.84 30.88 -5.10
C SER B 228 -13.94 29.96 -4.60
N ALA B 229 -13.94 28.69 -5.02
CA ALA B 229 -14.87 27.71 -4.51
C ALA B 229 -14.12 26.79 -3.53
N GLY B 230 -12.94 27.21 -3.06
CA GLY B 230 -12.13 26.34 -2.22
C GLY B 230 -11.42 25.26 -3.03
N THR B 231 -11.19 24.12 -2.37
CA THR B 231 -10.42 23.00 -2.90
C THR B 231 -11.35 22.01 -3.61
N PHE B 232 -10.99 21.62 -4.84
CA PHE B 232 -11.70 20.58 -5.58
C PHE B 232 -11.32 19.20 -5.05
N MET B 233 -10.01 18.94 -4.93
CA MET B 233 -9.48 17.67 -4.44
C MET B 233 -8.10 17.87 -3.83
N THR B 234 -7.82 16.99 -2.87
CA THR B 234 -6.51 16.83 -2.29
C THR B 234 -5.60 16.10 -3.28
N MET B 235 -4.29 16.34 -3.19
CA MET B 235 -3.32 15.51 -3.88
C MET B 235 -2.74 14.53 -2.86
N MET B 236 -2.61 13.26 -3.25
CA MET B 236 -2.30 12.21 -2.31
C MET B 236 -0.92 12.49 -1.69
N TRP B 237 -0.75 12.14 -0.41
CA TRP B 237 0.55 12.17 0.23
C TRP B 237 1.32 13.43 -0.20
N ASP B 238 2.57 13.28 -0.62
CA ASP B 238 3.39 14.42 -1.02
C ASP B 238 3.49 14.51 -2.54
N ARG B 239 2.54 13.89 -3.24
CA ARG B 239 2.43 13.97 -4.69
C ARG B 239 2.09 15.39 -5.16
N PHE B 240 2.39 15.65 -6.45
CA PHE B 240 1.93 16.82 -7.16
C PHE B 240 1.42 16.46 -8.56
N TYR B 241 0.11 16.64 -8.75
CA TYR B 241 -0.59 16.37 -9.98
C TYR B 241 -0.50 17.58 -10.92
N GLU B 242 0.33 17.50 -11.96
CA GLU B 242 0.38 18.53 -13.01
C GLU B 242 -0.60 18.20 -14.12
N CYS B 243 -0.95 19.22 -14.90
CA CYS B 243 -1.93 19.13 -16.00
C CYS B 243 -3.17 18.31 -15.65
N PRO B 244 -3.93 18.71 -14.62
CA PRO B 244 -5.22 18.08 -14.35
C PRO B 244 -6.21 18.33 -15.50
N ASP B 245 -7.10 17.33 -15.66
CA ASP B 245 -8.15 17.30 -16.67
C ASP B 245 -9.34 16.59 -16.05
N VAL B 246 -10.54 17.21 -16.13
CA VAL B 246 -11.75 16.59 -15.61
C VAL B 246 -12.84 16.58 -16.70
N PHE B 247 -13.46 15.41 -16.87
CA PHE B 247 -14.50 15.21 -17.87
C PHE B 247 -15.41 14.08 -17.39
N LYS B 248 -16.63 14.11 -17.95
CA LYS B 248 -17.56 13.01 -17.80
C LYS B 248 -17.58 12.19 -19.07
N MET B 249 -17.65 10.86 -18.93
CA MET B 249 -17.70 9.95 -20.06
C MET B 249 -18.64 8.80 -19.71
N GLY B 250 -19.75 8.67 -20.48
CA GLY B 250 -20.88 7.85 -20.06
C GLY B 250 -21.30 8.25 -18.64
N ASP B 251 -21.25 7.30 -17.68
CA ASP B 251 -21.87 7.45 -16.36
C ASP B 251 -20.78 7.53 -15.28
N TRP B 252 -19.64 8.11 -15.68
CA TRP B 252 -18.50 8.28 -14.78
C TRP B 252 -17.85 9.65 -14.97
N TRP B 253 -17.45 10.25 -13.85
CA TRP B 253 -16.56 11.40 -13.86
C TRP B 253 -15.15 10.90 -13.66
N TYR B 254 -14.20 11.57 -14.35
CA TYR B 254 -12.79 11.20 -14.25
C TYR B 254 -11.90 12.42 -14.01
N LEU B 255 -10.83 12.21 -13.23
CA LEU B 255 -9.67 13.11 -13.22
C LEU B 255 -8.48 12.39 -13.85
N ILE B 256 -7.99 12.93 -14.97
CA ILE B 256 -6.69 12.57 -15.51
C ILE B 256 -5.69 13.60 -14.99
N TYR B 257 -4.44 13.18 -14.75
CA TYR B 257 -3.37 14.06 -14.33
C TYR B 257 -2.03 13.37 -14.54
N SER B 258 -0.98 14.19 -14.67
CA SER B 258 0.39 13.72 -14.76
C SER B 258 1.09 13.90 -13.40
N GLU B 259 1.77 12.87 -12.93
CA GLU B 259 2.42 12.92 -11.62
C GLU B 259 3.85 13.42 -11.69
N GLN B 260 4.12 14.54 -11.01
CA GLN B 260 5.44 15.14 -11.01
C GLN B 260 6.49 14.30 -10.25
N ALA B 261 6.06 13.50 -9.25
CA ALA B 261 7.00 12.78 -8.41
C ALA B 261 7.98 12.04 -9.32
N SER B 262 9.27 12.19 -9.02
CA SER B 262 10.31 11.77 -9.93
C SER B 262 10.35 10.25 -10.08
N PHE B 263 9.76 9.52 -9.13
CA PHE B 263 9.72 8.09 -9.22
C PHE B 263 8.55 7.64 -10.09
N MET B 264 7.69 8.55 -10.53
CA MET B 264 6.49 8.11 -11.24
C MET B 264 6.54 8.66 -12.68
N ARG B 265 6.24 9.96 -12.88
CA ARG B 265 6.36 10.61 -14.18
C ARG B 265 5.53 9.89 -15.24
N LYS B 266 4.29 9.55 -14.87
CA LYS B 266 3.38 8.78 -15.69
C LYS B 266 2.01 9.45 -15.58
N VAL B 267 1.18 9.23 -16.62
CA VAL B 267 -0.17 9.77 -16.63
C VAL B 267 -1.08 8.85 -15.83
N GLN B 268 -1.82 9.39 -14.84
CA GLN B 268 -2.72 8.58 -14.02
C GLN B 268 -4.16 9.09 -14.11
N TYR B 269 -5.08 8.40 -13.42
CA TYR B 269 -6.44 8.89 -13.26
C TYR B 269 -7.09 8.35 -11.99
N PHE B 270 -8.22 9.02 -11.65
CA PHE B 270 -9.23 8.56 -10.71
C PHE B 270 -10.61 8.66 -11.35
N LYS B 271 -11.62 8.01 -10.72
CA LYS B 271 -12.99 8.03 -11.24
C LYS B 271 -13.98 7.98 -10.06
N GLY B 272 -15.24 8.30 -10.38
CA GLY B 272 -16.34 8.30 -9.44
C GLY B 272 -17.64 8.44 -10.24
N ARG B 273 -18.75 7.89 -9.69
CA ARG B 273 -20.01 7.84 -10.41
C ARG B 273 -20.62 9.24 -10.43
N THR B 274 -20.41 9.97 -9.32
CA THR B 274 -20.74 11.38 -9.19
C THR B 274 -19.45 12.20 -9.07
N LEU B 275 -19.60 13.52 -9.22
CA LEU B 275 -18.50 14.45 -9.04
C LEU B 275 -18.02 14.40 -7.59
N GLU B 276 -18.93 14.13 -6.63
CA GLU B 276 -18.56 14.13 -5.22
C GLU B 276 -17.82 12.83 -4.90
N ASP B 277 -18.13 11.76 -5.66
CA ASP B 277 -17.41 10.49 -5.53
C ASP B 277 -15.95 10.67 -5.96
N LEU B 278 -15.79 11.39 -7.09
CA LEU B 278 -14.48 11.64 -7.68
C LEU B 278 -13.61 12.32 -6.64
N LYS B 279 -14.15 13.40 -6.03
CA LYS B 279 -13.39 14.24 -5.12
C LYS B 279 -12.95 13.42 -3.91
N ALA B 280 -13.79 12.46 -3.51
CA ALA B 280 -13.65 11.69 -2.27
C ALA B 280 -12.45 10.75 -2.32
N THR B 281 -12.03 10.38 -3.55
CA THR B 281 -10.98 9.41 -3.80
C THR B 281 -9.67 9.76 -3.08
N THR B 282 -9.34 11.05 -2.92
CA THR B 282 -8.03 11.42 -2.40
C THR B 282 -8.09 12.09 -1.03
N ALA B 283 -9.32 12.16 -0.46
CA ALA B 283 -9.61 12.86 0.79
C ALA B 283 -9.03 12.11 1.99
N ASN B 284 -8.15 12.80 2.75
CA ASN B 284 -7.40 12.25 3.89
C ASN B 284 -6.36 11.24 3.42
N ASP B 285 -6.02 11.27 2.13
CA ASP B 285 -5.09 10.31 1.56
C ASP B 285 -5.81 8.96 1.53
N ALA B 286 -7.07 8.95 1.05
CA ALA B 286 -7.90 7.74 1.09
C ALA B 286 -7.48 6.75 0.00
N GLY B 287 -6.80 7.23 -1.05
CA GLY B 287 -6.16 6.38 -2.05
C GLY B 287 -7.08 5.41 -2.80
N ILE B 288 -8.29 5.86 -3.18
CA ILE B 288 -9.24 4.97 -3.81
C ILE B 288 -8.94 4.92 -5.32
N TRP B 289 -7.90 4.14 -5.64
CA TRP B 289 -7.45 3.90 -7.01
C TRP B 289 -8.59 3.34 -7.82
N PRO B 290 -8.68 3.66 -9.14
CA PRO B 290 -9.83 3.24 -9.96
C PRO B 290 -9.75 1.82 -10.52
N ASP B 291 -8.63 1.13 -10.23
CA ASP B 291 -8.28 -0.13 -10.86
C ASP B 291 -7.08 -0.72 -10.09
N ASN B 292 -6.64 -1.91 -10.50
CA ASN B 292 -5.61 -2.63 -9.75
C ASN B 292 -4.21 -2.05 -10.04
N ARG B 293 -4.10 -1.03 -10.91
CA ARG B 293 -2.80 -0.49 -11.29
C ARG B 293 -2.66 1.00 -10.98
N GLU B 294 -3.28 1.49 -9.91
CA GLU B 294 -3.14 2.86 -9.45
C GLU B 294 -3.57 3.85 -10.54
N GLY B 295 -4.37 3.39 -11.49
CA GLY B 295 -4.77 4.22 -12.62
C GLY B 295 -3.66 4.59 -13.61
N MET B 296 -2.44 4.03 -13.50
CA MET B 296 -1.34 4.30 -14.43
C MET B 296 -1.72 3.82 -15.81
N LEU B 297 -1.86 4.75 -16.78
CA LEU B 297 -2.38 4.45 -18.11
C LEU B 297 -1.28 4.18 -19.14
N ASP B 298 -0.09 4.75 -18.91
CA ASP B 298 1.05 4.49 -19.79
C ASP B 298 2.25 4.66 -18.87
N SER B 299 3.43 4.73 -19.49
CA SER B 299 4.64 4.80 -18.72
C SER B 299 5.25 6.20 -18.85
N ARG B 300 6.56 6.25 -18.55
CA ARG B 300 7.39 7.44 -18.44
C ARG B 300 7.91 7.90 -19.81
N ALA B 301 7.26 7.45 -20.87
CA ALA B 301 7.57 7.97 -22.20
C ALA B 301 6.35 8.63 -22.78
N PHE B 302 5.32 8.78 -21.91
CA PHE B 302 4.12 9.51 -22.25
C PHE B 302 3.70 10.33 -21.04
N TYR B 303 3.87 11.67 -21.17
CA TYR B 303 3.62 12.63 -20.11
C TYR B 303 2.70 13.74 -20.59
N ALA B 304 2.03 14.41 -19.62
CA ALA B 304 1.35 15.68 -19.82
C ALA B 304 0.08 15.49 -20.66
N GLY B 305 -0.54 14.32 -20.51
CA GLY B 305 -1.75 13.97 -21.24
C GLY B 305 -2.99 14.68 -20.70
N LYS B 306 -3.73 15.20 -21.68
CA LYS B 306 -5.01 15.87 -21.50
C LYS B 306 -5.90 15.49 -22.69
N THR B 307 -7.20 15.63 -22.48
CA THR B 307 -8.22 14.92 -23.22
C THR B 307 -9.07 15.93 -23.98
N ALA B 308 -9.69 15.49 -25.08
CA ALA B 308 -10.76 16.24 -25.73
C ALA B 308 -11.62 15.28 -26.55
N SER B 309 -12.88 15.69 -26.81
CA SER B 309 -13.90 14.78 -27.35
C SER B 309 -14.59 15.46 -28.52
N ASP B 310 -15.03 14.64 -29.48
CA ASP B 310 -15.76 15.18 -30.62
C ASP B 310 -17.20 14.67 -30.60
N GLY B 311 -17.65 14.11 -29.46
CA GLY B 311 -18.99 13.57 -29.37
C GLY B 311 -19.01 12.08 -29.67
N THR B 312 -18.10 11.62 -30.56
CA THR B 312 -17.97 10.20 -30.82
C THR B 312 -16.86 9.61 -29.95
N ASN B 313 -15.65 10.16 -30.07
CA ASN B 313 -14.47 9.61 -29.42
C ASN B 313 -13.86 10.66 -28.51
N ARG B 314 -13.15 10.18 -27.49
CA ARG B 314 -12.41 11.01 -26.57
C ARG B 314 -10.97 10.58 -26.68
N TYR B 315 -10.12 11.49 -27.13
CA TYR B 315 -8.72 11.18 -27.33
C TYR B 315 -7.93 11.84 -26.22
N ILE B 316 -6.68 11.42 -26.10
CA ILE B 316 -5.74 12.05 -25.19
C ILE B 316 -4.44 12.32 -25.95
N TRP B 317 -3.94 13.56 -25.77
CA TRP B 317 -2.64 13.95 -26.29
C TRP B 317 -1.65 14.20 -25.16
N GLY B 318 -0.47 13.58 -25.28
CA GLY B 318 0.68 13.83 -24.41
C GLY B 318 1.93 13.96 -25.29
N TRP B 319 3.12 13.98 -24.66
CA TRP B 319 4.35 13.97 -25.43
C TRP B 319 5.23 12.78 -25.07
N CYS B 320 6.02 12.36 -26.08
CA CYS B 320 7.03 11.33 -25.93
C CYS B 320 8.39 12.00 -25.94
N PRO B 321 9.15 11.83 -24.84
CA PRO B 321 10.40 12.57 -24.64
C PRO B 321 11.48 12.18 -25.63
N THR B 322 12.39 13.11 -25.87
CA THR B 322 13.63 12.81 -26.54
C THR B 322 14.55 12.13 -25.53
N ARG B 323 15.68 11.62 -26.05
CA ARG B 323 16.71 11.02 -25.22
C ARG B 323 18.04 11.67 -25.58
N ALA B 324 18.82 11.99 -24.53
CA ALA B 324 20.14 12.57 -24.74
C ALA B 324 20.98 11.64 -25.60
N GLY B 325 21.64 12.24 -26.60
CA GLY B 325 22.62 11.53 -27.39
C GLY B 325 22.01 10.60 -28.42
N ASN B 326 20.68 10.72 -28.61
CA ASN B 326 19.82 9.78 -29.30
C ASN B 326 19.97 8.34 -28.78
N ASP B 327 20.13 8.21 -27.45
CA ASP B 327 20.47 6.95 -26.80
C ASP B 327 19.24 6.42 -26.07
N ASN B 328 18.63 5.39 -26.65
CA ASN B 328 17.38 4.82 -26.18
C ASN B 328 17.44 4.43 -24.70
N GLY B 329 18.66 4.10 -24.24
CA GLY B 329 18.88 3.64 -22.88
C GLY B 329 19.31 4.76 -21.92
N ASN B 330 19.38 6.01 -22.41
CA ASN B 330 19.57 7.18 -21.56
C ASN B 330 18.23 7.89 -21.27
N VAL B 331 17.60 7.40 -20.20
CA VAL B 331 16.29 7.79 -19.70
C VAL B 331 16.36 8.91 -18.64
N GLY B 332 17.57 9.43 -18.33
CA GLY B 332 17.78 10.45 -17.30
C GLY B 332 17.72 9.89 -15.87
N ASP B 333 18.39 10.55 -14.90
CA ASP B 333 18.56 9.99 -13.56
C ASP B 333 17.27 10.15 -12.74
N VAL B 334 16.82 11.40 -12.63
CA VAL B 334 15.62 11.69 -11.87
C VAL B 334 14.41 11.80 -12.83
N GLU B 335 14.58 12.44 -13.99
CA GLU B 335 13.48 12.72 -14.90
C GLU B 335 13.95 12.66 -16.33
N PRO B 336 13.02 12.26 -17.22
CA PRO B 336 13.25 12.37 -18.66
C PRO B 336 13.38 13.81 -19.14
N GLU B 337 14.13 14.01 -20.23
CA GLU B 337 14.06 15.24 -21.01
C GLU B 337 12.60 15.67 -21.17
N TRP B 338 12.40 17.00 -21.08
CA TRP B 338 11.08 17.61 -21.18
C TRP B 338 10.77 17.85 -22.66
N ALA B 339 9.60 17.32 -23.13
CA ALA B 339 9.05 17.52 -24.48
C ALA B 339 9.69 16.59 -25.51
N GLY B 340 9.06 16.48 -26.68
CA GLY B 340 9.54 15.59 -27.73
C GLY B 340 8.58 15.54 -28.90
N ASN B 341 7.83 14.42 -29.04
CA ASN B 341 6.79 14.29 -30.05
C ASN B 341 5.41 14.18 -29.42
N LEU B 342 4.43 14.74 -30.13
CA LEU B 342 3.02 14.60 -29.83
C LEU B 342 2.57 13.16 -30.07
N VAL B 343 1.80 12.61 -29.13
CA VAL B 343 1.33 11.24 -29.24
C VAL B 343 -0.15 11.22 -28.88
N ALA B 344 -1.00 10.89 -29.89
CA ALA B 344 -2.44 10.71 -29.69
C ALA B 344 -2.78 9.25 -29.40
N GLN B 345 -3.61 9.10 -28.36
CA GLN B 345 -4.17 7.81 -27.98
C GLN B 345 -5.69 8.01 -27.85
N ARG B 346 -6.41 6.89 -27.83
CA ARG B 346 -7.87 6.88 -27.69
C ARG B 346 -8.26 6.23 -26.37
N LEU B 347 -9.24 6.85 -25.69
CA LEU B 347 -9.72 6.32 -24.43
C LEU B 347 -10.64 5.13 -24.74
N ILE B 348 -10.39 4.04 -24.01
CA ILE B 348 -11.25 2.87 -23.94
C ILE B 348 -11.94 2.88 -22.57
N GLN B 349 -13.24 3.16 -22.55
CA GLN B 349 -13.97 3.00 -21.32
C GLN B 349 -14.50 1.57 -21.24
N HIS B 350 -14.05 0.81 -20.24
CA HIS B 350 -14.59 -0.51 -19.98
C HIS B 350 -15.94 -0.35 -19.28
N GLU B 351 -16.76 -1.41 -19.23
CA GLU B 351 -18.05 -1.30 -18.55
C GLU B 351 -17.88 -1.43 -17.04
N ASP B 352 -16.67 -1.83 -16.63
CA ASP B 352 -16.11 -1.63 -15.31
C ASP B 352 -16.10 -0.15 -14.88
N GLY B 353 -16.19 0.78 -15.86
CA GLY B 353 -15.88 2.20 -15.66
C GLY B 353 -14.38 2.52 -15.75
N THR B 354 -13.57 1.47 -15.95
CA THR B 354 -12.13 1.58 -15.92
C THR B 354 -11.68 2.02 -17.31
N LEU B 355 -10.49 2.66 -17.33
CA LEU B 355 -9.92 3.23 -18.54
C LEU B 355 -8.61 2.55 -18.88
N THR B 356 -8.48 2.32 -20.21
CA THR B 356 -7.24 1.93 -20.86
C THR B 356 -7.18 2.74 -22.14
N LEU B 357 -6.04 2.66 -22.86
CA LEU B 357 -5.81 3.44 -24.06
C LEU B 357 -5.56 2.51 -25.24
N GLY B 358 -6.15 2.85 -26.39
CA GLY B 358 -5.89 2.20 -27.67
C GLY B 358 -5.62 3.20 -28.79
N VAL B 359 -5.43 2.69 -30.01
CA VAL B 359 -5.00 3.54 -31.11
C VAL B 359 -6.20 4.33 -31.61
N PRO B 360 -6.02 5.60 -32.04
CA PRO B 360 -6.99 6.26 -32.91
C PRO B 360 -7.24 5.48 -34.21
N ASP B 361 -8.53 5.37 -34.56
CA ASP B 361 -8.95 4.68 -35.76
C ASP B 361 -8.16 5.21 -36.95
N ALA B 362 -7.87 6.52 -37.00
CA ALA B 362 -7.37 7.17 -38.22
C ALA B 362 -5.88 6.96 -38.41
N ILE B 363 -5.19 6.68 -37.28
CA ILE B 363 -3.79 6.31 -37.30
C ILE B 363 -3.67 4.90 -37.87
N ASP B 364 -4.54 3.99 -37.40
CA ASP B 364 -4.56 2.62 -37.89
C ASP B 364 -4.80 2.55 -39.40
N ARG B 365 -5.72 3.37 -39.94
CA ARG B 365 -6.01 3.44 -41.37
C ARG B 365 -4.83 3.89 -42.21
N LYS B 366 -3.91 4.66 -41.63
CA LYS B 366 -2.82 5.24 -42.39
C LYS B 366 -1.91 4.17 -43.00
N TYR B 367 -1.91 2.95 -42.46
CA TYR B 367 -0.92 1.96 -42.87
C TYR B 367 -1.46 1.07 -44.00
N THR B 368 -1.15 1.45 -45.25
CA THR B 368 -1.74 0.97 -46.50
C THR B 368 -1.08 -0.30 -47.06
N SER B 369 0.26 -0.35 -46.98
CA SER B 369 1.05 -1.27 -47.77
C SER B 369 1.48 -2.46 -46.92
N ALA B 370 1.00 -3.67 -47.25
CA ALA B 370 1.53 -4.88 -46.65
C ALA B 370 2.99 -5.10 -47.07
N GLN B 371 3.77 -5.78 -46.21
CA GLN B 371 5.16 -6.05 -46.50
C GLN B 371 5.43 -7.52 -46.20
N GLU B 372 6.30 -8.12 -46.99
CA GLU B 372 6.78 -9.46 -46.73
C GLU B 372 7.40 -9.54 -45.33
N VAL B 373 6.99 -10.55 -44.58
CA VAL B 373 7.69 -10.92 -43.36
C VAL B 373 8.51 -12.17 -43.68
N LYS B 374 9.79 -12.23 -43.26
CA LYS B 374 10.55 -13.44 -43.49
C LYS B 374 11.64 -13.52 -42.43
N VAL B 375 11.95 -14.76 -42.01
CA VAL B 375 12.97 -14.95 -40.99
C VAL B 375 14.34 -14.69 -41.60
N MET B 376 15.11 -13.79 -41.00
CA MET B 376 16.50 -13.60 -41.37
C MET B 376 17.45 -14.31 -40.40
N ALA B 377 17.02 -14.70 -39.18
CA ALA B 377 17.91 -15.44 -38.27
C ALA B 377 17.13 -16.10 -37.11
N LYS B 378 17.66 -17.24 -36.60
CA LYS B 378 17.13 -18.00 -35.48
C LYS B 378 18.19 -18.11 -34.37
N ASP B 379 17.79 -18.36 -33.13
CA ASP B 379 18.76 -18.83 -32.14
C ASP B 379 18.04 -19.70 -31.12
N GLY B 380 18.79 -20.61 -30.47
CA GLY B 380 18.28 -21.56 -29.48
C GLY B 380 17.07 -22.31 -30.02
N ASN B 381 16.15 -22.67 -29.13
CA ASN B 381 14.99 -23.49 -29.48
C ASN B 381 13.92 -22.75 -30.25
N MET B 382 14.06 -22.73 -31.56
CA MET B 382 13.14 -21.97 -32.38
C MET B 382 12.75 -22.79 -33.60
N ILE B 383 11.44 -22.92 -33.82
CA ILE B 383 10.90 -23.72 -34.93
C ILE B 383 9.92 -22.88 -35.75
N GLU B 384 10.21 -22.76 -37.04
CA GLU B 384 9.26 -22.23 -38.01
C GLU B 384 8.42 -23.38 -38.55
N SER B 385 7.20 -23.08 -38.97
CA SER B 385 6.25 -24.13 -39.32
C SER B 385 5.13 -23.51 -40.16
N GLY B 386 5.44 -23.30 -41.45
CA GLY B 386 4.57 -22.55 -42.34
C GLY B 386 3.82 -21.45 -41.59
N LYS B 387 4.58 -20.40 -41.21
CA LYS B 387 4.08 -19.07 -40.86
C LYS B 387 3.56 -19.03 -39.41
N THR B 388 4.22 -19.79 -38.55
CA THR B 388 3.98 -19.86 -37.13
C THR B 388 5.34 -20.16 -36.50
N TYR B 389 5.69 -19.40 -35.46
CA TYR B 389 7.04 -19.45 -34.91
C TYR B 389 6.92 -19.86 -33.46
N THR B 390 7.63 -20.91 -33.07
CA THR B 390 7.53 -21.38 -31.71
C THR B 390 8.92 -21.23 -31.10
N LEU B 391 8.96 -20.52 -29.96
CA LEU B 391 10.21 -20.21 -29.30
C LEU B 391 10.15 -20.71 -27.87
N GLY B 392 11.26 -21.26 -27.39
CA GLY B 392 11.37 -21.71 -26.02
C GLY B 392 12.41 -20.89 -25.27
N GLU B 393 12.44 -21.06 -23.93
CA GLU B 393 13.41 -20.41 -23.07
C GLU B 393 14.73 -20.19 -23.81
N GLY B 394 15.09 -18.92 -24.04
CA GLY B 394 16.40 -18.53 -24.57
C GLY B 394 16.38 -18.33 -26.10
N ALA B 395 15.24 -18.58 -26.76
CA ALA B 395 15.19 -18.58 -28.22
C ALA B 395 14.91 -17.18 -28.79
N SER B 396 15.37 -16.98 -30.05
CA SER B 396 15.29 -15.71 -30.77
C SER B 396 14.84 -15.95 -32.21
N VAL B 397 14.06 -15.03 -32.76
CA VAL B 397 13.89 -14.93 -34.20
C VAL B 397 13.98 -13.47 -34.63
N ILE B 398 14.75 -13.22 -35.68
CA ILE B 398 14.89 -11.88 -36.25
C ILE B 398 14.20 -11.86 -37.60
N PHE B 399 13.32 -10.88 -37.79
CA PHE B 399 12.61 -10.69 -39.05
C PHE B 399 13.33 -9.63 -39.86
N ASN B 400 12.85 -9.45 -41.09
CA ASN B 400 13.43 -8.52 -42.04
C ASN B 400 13.21 -7.07 -41.60
N ARG B 401 14.03 -6.20 -42.20
CA ARG B 401 14.11 -4.78 -41.92
C ARG B 401 12.74 -4.10 -41.99
N LEU B 402 12.46 -3.22 -41.03
CA LEU B 402 11.27 -2.39 -41.07
C LEU B 402 11.48 -1.22 -42.02
N LYS B 403 10.43 -0.42 -42.23
CA LYS B 403 10.55 0.80 -43.01
C LYS B 403 10.52 1.99 -42.03
N VAL B 404 9.87 3.12 -42.38
CA VAL B 404 10.02 4.32 -41.60
C VAL B 404 8.82 4.45 -40.65
N HIS B 405 7.59 4.30 -41.22
CA HIS B 405 6.33 4.28 -40.51
C HIS B 405 5.75 2.87 -40.57
N ASN B 406 5.70 2.20 -39.42
CA ASN B 406 5.45 0.76 -39.39
C ASN B 406 4.23 0.45 -38.54
N LYS B 407 3.42 -0.53 -38.99
CA LYS B 407 2.43 -1.21 -38.15
C LYS B 407 2.73 -2.71 -38.08
N ILE B 408 2.78 -3.23 -36.86
CA ILE B 408 3.22 -4.59 -36.63
C ILE B 408 2.14 -5.24 -35.78
N SER B 409 1.47 -6.25 -36.34
CA SER B 409 0.50 -7.05 -35.61
C SER B 409 0.94 -8.51 -35.56
N PHE B 410 0.48 -9.19 -34.50
CA PHE B 410 0.69 -10.61 -34.32
C PHE B 410 0.02 -11.03 -33.01
N THR B 411 -0.26 -12.33 -32.90
CA THR B 411 -0.78 -12.94 -31.70
C THR B 411 0.28 -13.83 -31.07
N VAL B 412 0.46 -13.69 -29.76
CA VAL B 412 1.35 -14.56 -29.00
C VAL B 412 0.51 -15.39 -28.05
N LYS B 413 0.69 -16.74 -28.08
CA LYS B 413 0.13 -17.63 -27.08
C LYS B 413 1.26 -18.15 -26.20
N THR B 414 1.12 -18.05 -24.87
CA THR B 414 2.11 -18.58 -23.92
C THR B 414 1.72 -19.96 -23.41
N ALA B 415 2.69 -20.63 -22.76
CA ALA B 415 2.47 -21.94 -22.13
C ALA B 415 1.68 -21.75 -20.84
N SER B 416 2.19 -20.86 -19.98
CA SER B 416 1.52 -20.48 -18.77
C SER B 416 1.40 -18.95 -18.64
N ASN B 417 0.86 -18.58 -17.46
CA ASN B 417 0.70 -17.24 -16.92
C ASN B 417 1.92 -16.85 -16.07
N THR B 418 3.03 -17.59 -16.20
CA THR B 418 4.30 -17.24 -15.55
C THR B 418 5.37 -16.96 -16.64
N ASP B 419 4.95 -16.96 -17.91
CA ASP B 419 5.85 -16.93 -19.05
C ASP B 419 6.27 -15.48 -19.35
N ARG B 420 7.38 -15.36 -20.08
CA ARG B 420 7.98 -14.07 -20.38
C ARG B 420 8.41 -14.05 -21.84
N PHE B 421 7.99 -13.03 -22.59
CA PHE B 421 8.53 -12.84 -23.92
C PHE B 421 8.92 -11.40 -24.16
N GLY B 422 9.55 -11.17 -25.31
CA GLY B 422 10.27 -9.95 -25.63
C GLY B 422 10.01 -9.57 -27.08
N ILE B 423 9.76 -8.26 -27.31
CA ILE B 423 9.55 -7.69 -28.63
C ILE B 423 10.65 -6.67 -28.81
N SER B 424 11.58 -6.98 -29.73
CA SER B 424 12.86 -6.29 -29.74
C SER B 424 13.00 -5.53 -31.05
N PHE B 425 13.65 -4.36 -30.94
CA PHE B 425 13.83 -3.47 -32.06
C PHE B 425 15.29 -3.07 -32.13
N VAL B 426 15.68 -2.50 -33.30
CA VAL B 426 17.06 -2.09 -33.55
C VAL B 426 17.98 -3.29 -33.33
N ARG B 427 17.50 -4.47 -33.76
CA ARG B 427 18.21 -5.72 -33.52
C ARG B 427 18.61 -6.36 -34.85
N GLY B 428 19.78 -5.95 -35.33
CA GLY B 428 20.43 -6.57 -36.46
C GLY B 428 21.22 -7.81 -36.02
N THR B 429 21.49 -8.66 -37.02
CA THR B 429 22.30 -9.86 -36.96
C THR B 429 23.58 -9.63 -36.17
N ASP B 430 24.15 -8.42 -36.26
CA ASP B 430 25.44 -8.09 -35.66
C ASP B 430 25.28 -7.23 -34.40
N SER B 431 24.04 -6.93 -33.97
CA SER B 431 23.83 -6.06 -32.81
C SER B 431 24.17 -6.81 -31.52
N ALA B 432 25.12 -6.26 -30.75
CA ALA B 432 25.44 -6.76 -29.41
C ALA B 432 24.45 -6.26 -28.36
N SER B 433 23.80 -5.12 -28.62
CA SER B 433 22.78 -4.54 -27.76
C SER B 433 21.57 -4.10 -28.58
N TRP B 434 20.40 -4.07 -27.94
CA TRP B 434 19.15 -3.75 -28.63
C TRP B 434 18.12 -3.40 -27.58
N TYR B 435 16.91 -3.06 -28.02
CA TYR B 435 15.91 -2.57 -27.09
C TYR B 435 14.64 -3.37 -27.27
N SER B 436 14.15 -3.90 -26.15
CA SER B 436 13.02 -4.80 -26.12
C SER B 436 11.98 -4.28 -25.15
N ILE B 437 10.73 -4.55 -25.50
CA ILE B 437 9.65 -4.56 -24.54
C ILE B 437 9.48 -5.98 -24.00
N HIS B 438 9.71 -6.20 -22.69
CA HIS B 438 9.49 -7.48 -22.05
C HIS B 438 8.04 -7.55 -21.54
N VAL B 439 7.33 -8.63 -21.85
CA VAL B 439 6.05 -8.88 -21.24
C VAL B 439 6.24 -9.98 -20.19
N ASN B 440 6.12 -9.62 -18.92
CA ASN B 440 6.44 -10.51 -17.82
C ASN B 440 5.13 -10.92 -17.14
N ALA B 441 4.49 -12.01 -17.60
CA ALA B 441 3.14 -12.37 -17.17
C ALA B 441 3.14 -12.70 -15.67
N ASP B 442 4.21 -13.32 -15.17
CA ASP B 442 4.39 -13.52 -13.73
C ASP B 442 4.31 -12.22 -12.91
N GLU B 443 4.89 -11.10 -13.39
CA GLU B 443 4.90 -9.83 -12.67
C GLU B 443 3.75 -8.90 -13.08
N GLY B 444 2.87 -9.37 -13.99
CA GLY B 444 1.69 -8.63 -14.40
C GLY B 444 1.98 -7.24 -14.99
N LYS B 445 3.12 -7.11 -15.69
CA LYS B 445 3.61 -5.84 -16.19
C LYS B 445 4.47 -6.05 -17.44
N ALA B 446 4.52 -5.03 -18.30
CA ALA B 446 5.49 -4.97 -19.37
C ALA B 446 6.63 -4.02 -18.97
N ASN B 447 7.85 -4.30 -19.45
CA ASN B 447 9.03 -3.50 -19.23
C ASN B 447 9.66 -3.04 -20.54
N PHE B 448 10.28 -1.86 -20.50
CA PHE B 448 11.19 -1.42 -21.54
C PHE B 448 12.60 -1.62 -20.99
N GLU B 449 13.43 -2.34 -21.75
CA GLU B 449 14.75 -2.73 -21.28
C GLU B 449 15.77 -2.66 -22.43
N LYS B 450 17.04 -2.56 -22.03
CA LYS B 450 18.15 -2.75 -22.94
C LYS B 450 18.66 -4.16 -22.75
N ASP B 451 18.83 -4.88 -23.89
CA ASP B 451 19.24 -6.28 -23.90
C ASP B 451 20.62 -6.42 -24.55
N GLY B 452 21.30 -7.55 -24.25
CA GLY B 452 22.63 -7.88 -24.77
C GLY B 452 23.75 -7.44 -23.84
N ASP B 453 24.87 -6.95 -24.40
CA ASP B 453 25.86 -6.22 -23.62
C ASP B 453 25.17 -5.05 -22.91
N ASP B 454 25.60 -4.78 -21.68
CA ASP B 454 25.15 -3.59 -20.97
C ASP B 454 23.62 -3.61 -20.88
N ALA B 455 23.05 -4.81 -20.76
CA ALA B 455 21.64 -4.94 -20.45
C ALA B 455 21.31 -4.07 -19.24
N LYS B 456 20.06 -3.59 -19.18
CA LYS B 456 19.57 -2.88 -18.01
C LYS B 456 18.07 -2.63 -18.12
N TYR B 457 17.43 -2.65 -16.94
CA TYR B 457 16.02 -2.35 -16.78
C TYR B 457 15.90 -0.82 -16.91
N LEU B 458 14.83 -0.33 -17.53
CA LEU B 458 14.67 1.11 -17.66
C LEU B 458 13.41 1.57 -16.93
N PHE B 459 12.21 1.06 -17.33
CA PHE B 459 10.96 1.29 -16.62
C PHE B 459 9.89 0.33 -17.13
N ASP B 460 8.66 0.47 -16.65
CA ASP B 460 7.66 -0.58 -16.81
C ASP B 460 6.24 -0.01 -17.00
N ASN B 461 5.26 -0.88 -17.22
CA ASN B 461 3.89 -0.50 -17.53
C ASN B 461 2.97 -1.64 -17.08
N LYS B 462 2.51 -1.55 -15.83
CA LYS B 462 1.62 -2.55 -15.28
C LYS B 462 0.31 -2.58 -16.07
N PHE B 463 -0.19 -3.79 -16.35
CA PHE B 463 -1.42 -4.02 -17.12
C PHE B 463 -1.92 -5.43 -16.80
N ASN B 464 -3.12 -5.76 -17.31
CA ASN B 464 -3.82 -7.00 -16.96
C ASN B 464 -3.45 -8.14 -17.90
N ILE B 465 -2.88 -9.20 -17.31
CA ILE B 465 -2.46 -10.40 -18.01
C ILE B 465 -3.69 -11.17 -18.48
N PRO B 466 -3.77 -11.68 -19.74
CA PRO B 466 -4.89 -12.54 -20.12
C PRO B 466 -4.85 -13.89 -19.37
N ALA B 467 -6.03 -14.35 -18.94
CA ALA B 467 -6.15 -15.65 -18.30
C ALA B 467 -5.98 -16.76 -19.33
N ASP B 468 -6.46 -16.51 -20.57
CA ASP B 468 -6.39 -17.46 -21.68
C ASP B 468 -5.03 -17.49 -22.38
N ASN B 469 -4.04 -16.81 -21.79
CA ASN B 469 -2.66 -16.83 -22.25
C ASN B 469 -2.50 -16.36 -23.71
N GLU B 470 -3.48 -15.59 -24.25
CA GLU B 470 -3.34 -14.97 -25.57
C GLU B 470 -3.16 -13.46 -25.52
N TYR B 471 -2.16 -12.98 -26.29
CA TYR B 471 -1.76 -11.59 -26.38
C TYR B 471 -1.82 -11.08 -27.83
N ARG B 472 -2.90 -10.34 -28.14
CA ARG B 472 -3.12 -9.75 -29.46
C ARG B 472 -2.36 -8.42 -29.50
N VAL B 473 -1.14 -8.45 -30.09
CA VAL B 473 -0.20 -7.35 -30.09
C VAL B 473 -0.35 -6.50 -31.35
N THR B 474 -0.23 -5.19 -31.15
CA THR B 474 -0.32 -4.23 -32.23
C THR B 474 0.62 -3.08 -31.85
N ILE B 475 1.49 -2.68 -32.80
CA ILE B 475 2.51 -1.67 -32.54
C ILE B 475 2.56 -0.65 -33.68
N TYR B 476 2.46 0.65 -33.37
CA TYR B 476 2.45 1.70 -34.38
C TYR B 476 3.68 2.61 -34.22
N SER B 477 4.33 2.97 -35.34
CA SER B 477 5.63 3.64 -35.37
C SER B 477 5.55 4.83 -36.34
N ASP B 478 5.99 6.01 -35.86
CA ASP B 478 6.41 7.13 -36.70
C ASP B 478 7.90 7.36 -36.42
N GLN B 479 8.77 6.90 -37.31
CA GLN B 479 10.20 7.00 -37.11
C GLN B 479 10.55 6.37 -35.76
N SER B 480 11.00 7.20 -34.80
CA SER B 480 11.61 6.80 -33.53
C SER B 480 10.62 6.71 -32.37
N VAL B 481 9.37 7.12 -32.63
CA VAL B 481 8.29 7.09 -31.66
C VAL B 481 7.34 5.95 -32.01
N CYS B 482 7.08 5.07 -31.03
CA CYS B 482 6.08 4.04 -31.20
C CYS B 482 5.26 3.84 -29.92
N VAL B 483 4.01 3.39 -30.14
CA VAL B 483 3.16 2.88 -29.09
C VAL B 483 2.82 1.41 -29.36
N THR B 484 2.94 0.58 -28.31
CA THR B 484 2.58 -0.82 -28.32
C THR B 484 1.28 -1.03 -27.53
N TYR B 485 0.34 -1.75 -28.15
CA TYR B 485 -0.96 -2.03 -27.57
C TYR B 485 -1.23 -3.56 -27.57
N ILE B 486 -1.75 -4.08 -26.46
CA ILE B 486 -2.08 -5.49 -26.29
C ILE B 486 -3.46 -5.62 -25.65
N ASN B 487 -4.40 -6.30 -26.34
CA ASN B 487 -5.63 -6.80 -25.72
C ASN B 487 -6.48 -5.65 -25.17
N ASP B 488 -6.30 -4.43 -25.70
CA ASP B 488 -7.04 -3.26 -25.19
C ASP B 488 -6.81 -3.07 -23.70
N GLN B 489 -5.60 -3.43 -23.22
CA GLN B 489 -5.24 -3.37 -21.81
C GLN B 489 -3.95 -2.58 -21.61
N LEU B 490 -2.96 -2.89 -22.46
CA LEU B 490 -1.68 -2.21 -22.52
C LEU B 490 -1.73 -1.12 -23.57
N SER B 491 -1.04 -0.04 -23.21
CA SER B 491 -0.72 1.07 -24.08
C SER B 491 0.66 1.56 -23.63
N PHE B 492 1.71 1.31 -24.45
CA PHE B 492 3.10 1.52 -24.04
C PHE B 492 3.83 2.33 -25.11
N THR B 493 3.87 3.64 -24.85
CA THR B 493 4.63 4.60 -25.63
C THR B 493 6.10 4.43 -25.27
N ASN B 494 6.93 4.45 -26.33
CA ASN B 494 8.38 4.38 -26.19
C ASN B 494 9.09 5.21 -27.24
N ARG B 495 10.25 5.74 -26.84
CA ARG B 495 11.19 6.36 -27.77
C ARG B 495 12.25 5.33 -28.14
N ILE B 496 12.31 5.03 -29.45
CA ILE B 496 13.23 4.03 -29.95
C ILE B 496 13.94 4.58 -31.18
N TYR B 497 15.05 5.28 -30.94
CA TYR B 497 15.89 5.80 -32.01
C TYR B 497 16.42 4.63 -32.83
N GLN B 498 16.14 4.69 -34.14
CA GLN B 498 16.70 3.85 -35.18
C GLN B 498 15.94 2.53 -35.34
N MET B 499 14.67 2.51 -34.92
CA MET B 499 13.84 1.32 -35.16
C MET B 499 13.53 1.22 -36.64
N GLN B 500 13.45 2.38 -37.32
CA GLN B 500 13.33 2.51 -38.77
C GLN B 500 14.47 1.79 -39.47
N LYS B 501 14.15 1.10 -40.57
CA LYS B 501 15.15 0.54 -41.47
C LYS B 501 16.09 -0.35 -40.66
N ASN B 502 15.53 -0.96 -39.61
CA ASN B 502 16.27 -1.96 -38.85
C ASN B 502 15.36 -3.17 -38.59
N PRO B 503 15.97 -4.37 -38.51
CA PRO B 503 15.24 -5.58 -38.17
C PRO B 503 14.65 -5.53 -36.74
N TRP B 504 13.68 -6.42 -36.54
CA TRP B 504 13.07 -6.64 -35.25
C TRP B 504 12.99 -8.14 -35.01
N SER B 505 12.58 -8.49 -33.80
CA SER B 505 12.90 -9.75 -33.20
C SER B 505 11.81 -10.07 -32.19
N LEU B 506 11.47 -11.35 -32.09
CA LEU B 506 10.73 -11.88 -30.96
C LEU B 506 11.63 -12.82 -30.18
N CYS B 507 11.32 -12.95 -28.91
CA CYS B 507 12.27 -13.45 -27.94
C CYS B 507 11.45 -14.22 -26.88
N CYS B 508 12.02 -15.25 -26.24
CA CYS B 508 11.36 -15.92 -25.12
C CYS B 508 12.38 -16.11 -24.00
N TYR B 509 12.15 -15.45 -22.85
CA TYR B 509 13.08 -15.46 -21.74
C TYR B 509 12.69 -16.56 -20.75
N LYS B 510 11.40 -16.98 -20.77
CA LYS B 510 10.89 -17.92 -19.80
C LYS B 510 9.68 -18.69 -20.35
N GLY B 511 9.72 -20.02 -20.16
CA GLY B 511 8.65 -20.88 -20.59
C GLY B 511 8.74 -21.13 -22.09
N GLU B 512 7.64 -20.84 -22.80
CA GLU B 512 7.56 -21.08 -24.22
C GLU B 512 6.41 -20.28 -24.83
N ILE B 513 6.56 -19.83 -26.09
CA ILE B 513 5.54 -19.03 -26.74
C ILE B 513 5.28 -19.53 -28.16
N THR B 514 4.19 -19.03 -28.77
CA THR B 514 3.79 -19.41 -30.12
C THR B 514 3.17 -18.21 -30.83
N VAL B 515 3.80 -17.84 -31.94
CA VAL B 515 3.50 -16.59 -32.63
C VAL B 515 2.87 -16.90 -33.98
N SER B 516 1.86 -16.12 -34.33
CA SER B 516 0.97 -16.42 -35.43
C SER B 516 0.45 -15.10 -36.00
N ASP B 517 -0.14 -15.17 -37.21
CA ASP B 517 -0.66 -14.04 -37.98
C ASP B 517 0.25 -12.81 -37.87
N VAL B 518 1.52 -12.96 -38.32
CA VAL B 518 2.44 -11.84 -38.30
C VAL B 518 2.24 -11.00 -39.57
N GLN B 519 1.85 -9.74 -39.41
CA GLN B 519 1.75 -8.81 -40.52
C GLN B 519 2.61 -7.58 -40.17
N VAL B 520 3.15 -6.91 -41.20
CA VAL B 520 3.59 -5.54 -41.10
C VAL B 520 3.00 -4.76 -42.27
N SER B 521 2.98 -3.46 -42.08
CA SER B 521 2.27 -2.57 -42.97
C SER B 521 2.90 -1.18 -42.82
N THR B 522 2.95 -0.39 -43.90
CA THR B 522 3.70 0.86 -43.90
C THR B 522 2.94 1.95 -44.65
N TYR B 523 3.49 3.20 -44.67
CA TYR B 523 2.99 4.26 -45.53
C TYR B 523 4.05 5.33 -45.89
#